data_8CYI
#
_entry.id   8CYI
#
_cell.length_a   1.00
_cell.length_b   1.00
_cell.length_c   1.00
_cell.angle_alpha   90.00
_cell.angle_beta   90.00
_cell.angle_gamma   90.00
#
_symmetry.space_group_name_H-M   'P 1'
#
loop_
_entity.id
_entity.type
_entity.pdbx_description
1 polymer 'Protein arginine N-methyltransferase 5'
2 polymer 'Methylosome protein 50'
3 non-polymer N-[(2-aminoquinolin-7-yl)methyl]-9-(2-hydroxyethyl)-2,3,4,9-tetrahydro-1H-carbazole-6-carboxamide
4 non-polymer "5'-DEOXY-5'-METHYLTHIOADENOSINE"
#
loop_
_entity_poly.entity_id
_entity_poly.type
_entity_poly.pdbx_seq_one_letter_code
_entity_poly.pdbx_strand_id
1 'polypeptide(L)'
;MAAMAVGGAGGSRVSSGRDLNCVPEIADTLGAVAKQGFDFLCMPVFHPRFKREFIQEPAKNRPGPQTRSDLLLSGRDWNT
LIVGKLSPWIRPDSKVEKIRRNSEAAMLQELNFGAYLGLPAFLLPLNQEDNTNLARVLTNHIHTGHHSSMFWMRVPLVAP
EDLRDDIIENAPTTHTEEYSGEEKTWMWWHNFRTLCDYSKRIAVALEIGADLPSNHVIDRWLGEPIKAAILPTSIFLTNK
KGFPVLSKMHQRLIFRLLKLEVQFIITGTNHHSEKEFCSYLQYLEYLSQNRPPPNAYELFAKGYEDYLQSPLQPLMDNLE
SQTYEVFEKDPIKYSQYQQAIYKCLLDRVPEEEKDTNVQVLMVLGAGRGPLVNASLRAAKQADRRIKLYAVEKNPNAVVT
LENWQFEEWGSQVTVVSSDMREWVAPEKADIIVSELLGSFADNELSPECLDGAQHFLKDDGVSIPGEYTSFLAPISSSKL
YNEVRACREKDRDPEAQFEMPYVVRLHNFHQLSAPQPCFTFSHPNRDPMIDNNRYCTLEFPVEVNTVLHGFAGYFETVLY
QDITLSIRPETHSPGMFSWFPILFPIKQPITVREGQTICVRFWRCSNSKKVWYEWAVTAPVCSAIHNPTGRSYTIGL
;
A
2 'polypeptide(L)'
;PNAPACMERQLEAARYRSDGALLLGASSLSGRCWAGSLWLFKDPCAAPNEGFCSAGVQTEAGVADLTWVGERGILVASDS
GAVELWELDENETLIVSKFCKYEHDDIVSTVSVLSSGTQAVSGSKDICIKVWDLAQQVVLSSYRAHAAQVTCVAASPHKD
SVFLSCSEDNRILLWDTRCPKPASQIGCSAPGYLPTSLAWHPQQSEVFVFGDENGTVSLVDTKSTSCVLSSAVHSQCVTG
LVFSPHSVPFLASLSEDCSLAVLDSSLSELFRSQAHRDFVRDATWSPLNHSLLTTVGWDHQVVHHVVPT
;
B
#
# COMPACT_ATOMS: atom_id res chain seq x y z
N ARG A 13 -1.43 8.49 -19.06
CA ARG A 13 -0.07 8.01 -18.85
C ARG A 13 -0.02 7.43 -17.41
N VAL A 14 1.19 7.30 -16.82
CA VAL A 14 1.41 6.75 -15.48
C VAL A 14 1.88 7.84 -14.54
N SER A 15 1.08 8.10 -13.51
CA SER A 15 1.42 9.12 -12.53
C SER A 15 2.55 8.65 -11.65
N SER A 16 3.43 9.56 -11.25
CA SER A 16 4.50 9.17 -10.36
C SER A 16 5.04 10.26 -9.47
N GLY A 17 5.76 9.85 -8.45
CA GLY A 17 6.39 10.83 -7.60
C GLY A 17 7.72 10.40 -7.06
N ARG A 18 8.36 11.34 -6.40
CA ARG A 18 9.66 11.13 -5.82
C ARG A 18 9.58 11.14 -4.31
N ASP A 19 10.31 10.25 -3.67
CA ASP A 19 10.38 10.18 -2.22
C ASP A 19 11.70 10.71 -1.64
N LEU A 20 11.68 11.85 -0.96
CA LEU A 20 12.94 12.39 -0.43
C LEU A 20 12.91 12.51 1.07
N ASN A 21 14.06 12.31 1.71
CA ASN A 21 14.13 12.52 3.16
C ASN A 21 15.04 13.66 3.54
N CYS A 22 15.38 14.47 2.57
CA CYS A 22 16.27 15.58 2.77
C CYS A 22 15.94 16.69 1.82
N VAL A 23 15.31 17.72 2.33
CA VAL A 23 14.86 18.81 1.49
C VAL A 23 15.29 20.15 2.05
N PRO A 24 16.53 20.57 1.80
CA PRO A 24 17.14 21.79 2.28
C PRO A 24 16.33 23.03 2.00
N GLU A 25 15.72 23.05 0.84
CA GLU A 25 14.92 24.17 0.39
C GLU A 25 13.82 23.67 -0.48
N ILE A 26 12.61 23.96 -0.11
CA ILE A 26 11.51 23.40 -0.85
C ILE A 26 11.31 24.00 -2.22
N ALA A 27 11.63 25.27 -2.41
CA ALA A 27 11.37 25.81 -3.72
C ALA A 27 12.21 25.15 -4.80
N ASP A 28 13.46 24.90 -4.48
CA ASP A 28 14.36 24.34 -5.44
C ASP A 28 14.12 22.89 -5.60
N THR A 29 13.78 22.22 -4.52
CA THR A 29 13.54 20.81 -4.62
C THR A 29 12.34 20.56 -5.45
N LEU A 30 11.28 21.32 -5.24
CA LEU A 30 10.08 21.07 -5.96
C LEU A 30 10.31 21.33 -7.43
N GLY A 31 11.09 22.37 -7.74
CA GLY A 31 11.39 22.68 -9.11
C GLY A 31 12.10 21.52 -9.79
N ALA A 32 13.15 21.00 -9.15
CA ALA A 32 13.93 19.91 -9.73
C ALA A 32 13.10 18.66 -9.93
N VAL A 33 12.22 18.38 -9.00
CA VAL A 33 11.40 17.21 -9.13
C VAL A 33 10.51 17.34 -10.34
N ALA A 34 9.90 18.51 -10.49
CA ALA A 34 9.05 18.74 -11.64
C ALA A 34 9.85 18.69 -12.93
N LYS A 35 11.08 19.20 -12.91
CA LYS A 35 11.93 19.22 -14.09
C LYS A 35 12.16 17.85 -14.63
N GLN A 36 12.27 16.88 -13.76
CA GLN A 36 12.54 15.52 -14.16
C GLN A 36 11.30 14.77 -14.59
N GLY A 37 10.15 15.41 -14.53
CA GLY A 37 8.93 14.75 -14.94
C GLY A 37 8.11 14.10 -13.86
N PHE A 38 8.36 14.40 -12.61
CA PHE A 38 7.55 13.79 -11.58
C PHE A 38 6.31 14.63 -11.36
N ASP A 39 5.22 13.98 -10.95
CA ASP A 39 4.00 14.69 -10.67
C ASP A 39 3.95 15.16 -9.24
N PHE A 40 4.54 14.41 -8.32
CA PHE A 40 4.47 14.84 -6.93
C PHE A 40 5.66 14.43 -6.09
N LEU A 41 5.77 15.08 -4.94
CA LEU A 41 6.81 14.82 -3.96
C LEU A 41 6.31 14.39 -2.59
N CYS A 42 6.91 13.34 -2.04
CA CYS A 42 6.62 12.92 -0.68
C CYS A 42 7.74 13.43 0.19
N MET A 43 7.40 14.05 1.30
CA MET A 43 8.45 14.56 2.16
C MET A 43 7.97 14.81 3.58
N PRO A 44 8.86 14.88 4.56
CA PRO A 44 8.51 15.22 5.91
C PRO A 44 8.10 16.67 6.08
N VAL A 45 7.22 16.88 7.05
CA VAL A 45 6.80 18.21 7.46
C VAL A 45 7.78 18.86 8.41
N PHE A 46 8.26 18.07 9.35
CA PHE A 46 9.20 18.54 10.34
C PHE A 46 10.52 17.92 10.03
N HIS A 47 11.62 18.59 10.30
CA HIS A 47 12.87 17.93 10.06
C HIS A 47 12.77 16.65 10.84
N PRO A 48 13.09 15.49 10.26
CA PRO A 48 12.96 14.20 10.87
C PRO A 48 13.78 13.95 12.10
N ARG A 49 14.84 14.72 12.34
CA ARG A 49 15.61 14.43 13.54
C ARG A 49 15.28 15.40 14.66
N PHE A 50 14.37 16.31 14.41
CA PHE A 50 14.09 17.33 15.39
C PHE A 50 13.05 16.93 16.38
N LYS A 51 13.45 16.08 17.29
CA LYS A 51 12.58 15.52 18.31
C LYS A 51 12.01 16.62 19.19
N ARG A 52 10.71 16.52 19.45
CA ARG A 52 10.00 17.48 20.25
C ARG A 52 9.45 16.84 21.49
N GLU A 53 9.84 17.39 22.62
CA GLU A 53 9.43 16.89 23.92
C GLU A 53 8.14 17.55 24.35
N PHE A 54 7.29 16.77 24.97
CA PHE A 54 6.05 17.22 25.54
C PHE A 54 6.11 16.82 26.98
N ILE A 55 5.33 17.45 27.85
CA ILE A 55 5.20 17.06 29.26
C ILE A 55 6.36 17.42 30.16
N GLN A 56 7.53 16.91 29.84
CA GLN A 56 8.71 17.12 30.66
C GLN A 56 9.40 18.48 30.53
N GLU A 57 9.62 19.08 31.68
CA GLU A 57 10.31 20.35 31.87
C GLU A 57 11.82 20.13 31.79
N PRO A 58 12.61 21.05 31.22
CA PRO A 58 12.35 22.27 30.51
C PRO A 58 12.14 22.08 29.04
N ALA A 59 12.32 20.87 28.59
CA ALA A 59 12.36 20.64 27.16
C ALA A 59 11.09 21.05 26.47
N LYS A 60 9.97 20.89 27.14
CA LYS A 60 8.70 21.24 26.55
C LYS A 60 8.53 22.71 26.29
N ASN A 61 9.37 23.52 26.90
CA ASN A 61 9.28 24.96 26.77
C ASN A 61 10.28 25.50 25.78
N ARG A 62 10.88 24.63 24.99
CA ARG A 62 11.83 25.10 24.02
C ARG A 62 11.18 26.13 23.10
N PRO A 63 11.77 27.33 22.96
CA PRO A 63 11.30 28.43 22.17
C PRO A 63 11.56 28.25 20.72
N GLY A 64 10.86 29.02 19.91
CA GLY A 64 11.13 29.09 18.49
C GLY A 64 10.07 28.40 17.66
N PRO A 65 10.09 28.59 16.35
CA PRO A 65 9.19 28.00 15.42
C PRO A 65 9.50 26.54 15.39
N GLN A 66 8.52 25.69 15.17
CA GLN A 66 8.86 24.29 15.16
C GLN A 66 9.17 23.79 13.76
N THR A 67 8.67 24.46 12.74
CA THR A 67 9.00 24.06 11.39
C THR A 67 8.86 25.23 10.44
N ARG A 68 9.05 24.96 9.16
CA ARG A 68 8.96 25.99 8.15
C ARG A 68 7.53 26.42 7.94
N SER A 69 7.33 27.69 7.58
CA SER A 69 5.99 28.21 7.40
C SER A 69 5.36 27.73 6.13
N ASP A 70 4.06 27.96 6.03
CA ASP A 70 3.30 27.57 4.88
C ASP A 70 3.12 28.65 3.87
N LEU A 71 3.83 29.75 4.03
CA LEU A 71 3.66 30.84 3.09
C LEU A 71 4.65 30.75 1.96
N LEU A 72 5.41 29.69 1.98
CA LEU A 72 6.41 29.46 0.99
C LEU A 72 5.81 28.90 -0.30
N LEU A 73 4.70 28.19 -0.19
CA LEU A 73 4.04 27.63 -1.35
C LEU A 73 2.64 28.17 -1.47
N SER A 74 2.11 28.22 -2.68
CA SER A 74 0.73 28.65 -2.83
C SER A 74 -0.19 27.56 -2.32
N GLY A 75 -1.44 27.91 -2.05
CA GLY A 75 -2.40 26.90 -1.58
C GLY A 75 -2.55 25.78 -2.58
N ARG A 76 -2.47 26.13 -3.86
CA ARG A 76 -2.58 25.17 -4.91
C ARG A 76 -1.49 24.14 -4.85
N ASP A 77 -0.30 24.51 -4.45
CA ASP A 77 0.73 23.52 -4.44
C ASP A 77 0.53 22.64 -3.24
N TRP A 78 0.14 23.25 -2.13
CA TRP A 78 0.03 22.43 -0.94
C TRP A 78 -0.97 21.34 -1.09
N ASN A 79 -2.07 21.63 -1.71
CA ASN A 79 -3.10 20.62 -1.82
C ASN A 79 -3.03 19.81 -3.08
N THR A 80 -1.96 19.95 -3.85
CA THR A 80 -1.87 19.19 -5.07
C THR A 80 -0.61 18.35 -5.15
N LEU A 81 0.53 18.96 -4.86
CA LEU A 81 1.82 18.36 -5.12
C LEU A 81 2.53 17.69 -3.96
N ILE A 82 1.98 17.77 -2.75
CA ILE A 82 2.72 17.25 -1.61
C ILE A 82 2.03 16.19 -0.80
N VAL A 83 2.76 15.12 -0.54
CA VAL A 83 2.31 14.02 0.30
C VAL A 83 3.14 14.04 1.56
N GLY A 84 2.48 14.01 2.71
CA GLY A 84 3.24 14.10 3.96
C GLY A 84 3.76 12.77 4.45
N LYS A 85 4.59 12.82 5.47
CA LYS A 85 5.18 11.64 6.08
C LYS A 85 5.32 11.80 7.58
N LEU A 86 5.11 10.75 8.33
CA LEU A 86 5.33 10.78 9.77
C LEU A 86 6.80 10.73 10.09
N SER A 87 7.26 11.54 11.05
CA SER A 87 8.66 11.45 11.43
C SER A 87 8.99 10.05 11.96
N PRO A 88 10.17 9.49 11.63
CA PRO A 88 10.64 8.16 11.97
C PRO A 88 10.86 7.86 13.44
N TRP A 89 10.94 8.87 14.27
CA TRP A 89 11.20 8.59 15.67
C TRP A 89 9.92 8.39 16.46
N ILE A 90 8.78 8.56 15.84
CA ILE A 90 7.56 8.45 16.58
C ILE A 90 7.15 6.99 16.66
N ARG A 91 6.99 6.47 17.88
CA ARG A 91 6.70 5.05 18.08
C ARG A 91 5.64 4.77 19.14
N PRO A 92 4.35 4.99 18.85
CA PRO A 92 3.22 4.90 19.76
C PRO A 92 3.04 3.56 20.42
N ASP A 93 3.61 2.54 19.82
CA ASP A 93 3.49 1.18 20.32
C ASP A 93 4.72 0.66 21.04
N SER A 94 5.59 1.57 21.48
CA SER A 94 6.77 1.20 22.23
C SER A 94 6.40 0.76 23.63
N LYS A 95 7.35 0.17 24.34
CA LYS A 95 7.05 -0.34 25.67
C LYS A 95 7.26 0.63 26.82
N VAL A 96 8.10 1.62 26.64
CA VAL A 96 8.36 2.55 27.72
C VAL A 96 7.30 3.62 27.75
N GLU A 97 6.64 3.78 28.88
CA GLU A 97 5.55 4.73 28.98
C GLU A 97 5.90 6.12 28.56
N LYS A 98 7.08 6.57 28.92
CA LYS A 98 7.45 7.90 28.56
C LYS A 98 7.51 8.09 27.08
N ILE A 99 7.93 7.06 26.35
CA ILE A 99 8.04 7.19 24.94
C ILE A 99 6.67 7.24 24.37
N ARG A 100 5.81 6.37 24.87
CA ARG A 100 4.48 6.36 24.32
C ARG A 100 3.81 7.69 24.45
N ARG A 101 3.96 8.34 25.59
CA ARG A 101 3.27 9.59 25.73
C ARG A 101 3.78 10.63 24.77
N ASN A 102 5.08 10.69 24.55
CA ASN A 102 5.55 11.68 23.61
C ASN A 102 5.17 11.29 22.22
N SER A 103 5.12 10.01 21.93
CA SER A 103 4.80 9.61 20.61
C SER A 103 3.39 9.96 20.26
N GLU A 104 2.45 9.79 21.18
CA GLU A 104 1.10 10.13 20.81
C GLU A 104 0.97 11.61 20.56
N ALA A 105 1.61 12.42 21.38
CA ALA A 105 1.49 13.83 21.16
C ALA A 105 2.08 14.22 19.84
N ALA A 106 3.20 13.61 19.51
CA ALA A 106 3.84 13.95 18.29
C ALA A 106 3.01 13.57 17.10
N MET A 107 2.37 12.42 17.16
CA MET A 107 1.57 12.01 16.03
C MET A 107 0.44 12.95 15.81
N LEU A 108 -0.24 13.36 16.86
CA LEU A 108 -1.34 14.25 16.63
C LEU A 108 -0.90 15.55 16.08
N GLN A 109 0.23 16.06 16.56
CA GLN A 109 0.68 17.31 16.03
C GLN A 109 0.91 17.23 14.56
N GLU A 110 1.57 16.18 14.12
CA GLU A 110 1.87 16.12 12.72
C GLU A 110 0.63 15.95 11.88
N LEU A 111 -0.33 15.16 12.35
CA LEU A 111 -1.52 14.99 11.55
C LEU A 111 -2.31 16.27 11.46
N ASN A 112 -2.37 17.02 12.55
CA ASN A 112 -3.15 18.22 12.52
C ASN A 112 -2.52 19.24 11.64
N PHE A 113 -1.21 19.25 11.59
CA PHE A 113 -0.56 20.21 10.75
C PHE A 113 -0.86 19.87 9.31
N GLY A 114 -0.75 18.60 8.96
CA GLY A 114 -1.01 18.24 7.59
C GLY A 114 -2.43 18.61 7.21
N ALA A 115 -3.36 18.47 8.15
CA ALA A 115 -4.72 18.83 7.87
C ALA A 115 -4.83 20.32 7.60
N TYR A 116 -4.14 21.11 8.39
CA TYR A 116 -4.11 22.55 8.23
C TYR A 116 -3.69 22.93 6.84
N LEU A 117 -2.66 22.28 6.35
CA LEU A 117 -2.12 22.54 5.05
C LEU A 117 -2.98 22.06 3.91
N GLY A 118 -3.95 21.20 4.18
CA GLY A 118 -4.75 20.64 3.13
C GLY A 118 -4.04 19.56 2.32
N LEU A 119 -3.10 18.83 2.92
CA LEU A 119 -2.41 17.87 2.10
C LEU A 119 -3.39 16.77 1.67
N PRO A 120 -3.36 16.28 0.43
CA PRO A 120 -4.22 15.23 -0.05
C PRO A 120 -3.91 13.87 0.52
N ALA A 121 -2.69 13.65 0.96
CA ALA A 121 -2.37 12.34 1.47
C ALA A 121 -1.21 12.40 2.44
N PHE A 122 -1.16 11.42 3.32
CA PHE A 122 -0.10 11.31 4.31
C PHE A 122 0.33 9.86 4.50
N LEU A 123 1.63 9.59 4.69
CA LEU A 123 2.09 8.22 4.89
C LEU A 123 2.45 7.84 6.33
N LEU A 124 1.97 6.67 6.73
CA LEU A 124 2.29 6.09 8.01
C LEU A 124 2.88 4.71 7.77
N PRO A 125 3.98 4.32 8.40
CA PRO A 125 4.59 3.00 8.29
C PRO A 125 3.93 1.93 9.14
N LEU A 126 4.06 0.68 8.71
CA LEU A 126 3.77 -0.49 9.53
C LEU A 126 4.92 -1.47 9.43
N ASN A 127 5.53 -1.84 10.55
CA ASN A 127 6.65 -2.76 10.49
C ASN A 127 6.68 -3.82 11.56
N GLN A 128 5.55 -4.12 12.14
CA GLN A 128 5.46 -5.10 13.20
C GLN A 128 4.04 -5.49 13.40
N GLU A 129 3.81 -6.48 14.24
CA GLU A 129 2.46 -6.92 14.57
C GLU A 129 1.62 -6.01 15.43
N ASP A 130 2.18 -5.46 16.49
CA ASP A 130 1.32 -4.71 17.36
C ASP A 130 1.25 -3.25 17.02
N ASN A 131 0.13 -2.82 16.46
CA ASN A 131 -0.02 -1.45 16.05
C ASN A 131 -1.28 -0.91 16.67
N THR A 132 -1.59 -1.40 17.84
CA THR A 132 -2.82 -1.00 18.46
C THR A 132 -2.91 0.48 18.73
N ASN A 133 -1.88 1.09 19.28
CA ASN A 133 -2.01 2.50 19.59
C ASN A 133 -1.97 3.29 18.34
N LEU A 134 -1.21 2.84 17.35
CA LEU A 134 -1.19 3.61 16.15
C LEU A 134 -2.60 3.73 15.63
N ALA A 135 -3.33 2.62 15.65
CA ALA A 135 -4.69 2.67 15.18
C ALA A 135 -5.53 3.57 16.07
N ARG A 136 -5.35 3.52 17.38
CA ARG A 136 -6.19 4.33 18.24
C ARG A 136 -6.03 5.80 17.96
N VAL A 137 -4.81 6.24 17.77
CA VAL A 137 -4.63 7.64 17.54
C VAL A 137 -5.20 8.03 16.22
N LEU A 138 -4.96 7.23 15.20
CA LEU A 138 -5.45 7.62 13.91
C LEU A 138 -6.95 7.69 13.86
N THR A 139 -7.66 6.77 14.48
CA THR A 139 -9.09 6.89 14.36
C THR A 139 -9.61 8.08 15.14
N ASN A 140 -9.00 8.43 16.25
CA ASN A 140 -9.51 9.60 16.92
C ASN A 140 -9.31 10.81 16.05
N HIS A 141 -8.23 10.84 15.30
CA HIS A 141 -8.03 11.94 14.39
C HIS A 141 -9.10 11.95 13.32
N ILE A 142 -9.38 10.80 12.74
CA ILE A 142 -10.35 10.70 11.66
C ILE A 142 -11.72 11.16 12.03
N HIS A 143 -12.16 10.86 13.22
CA HIS A 143 -13.48 11.23 13.62
C HIS A 143 -13.60 12.57 14.30
N THR A 144 -12.53 13.35 14.34
CA THR A 144 -12.62 14.63 14.99
C THR A 144 -12.54 15.77 14.00
N GLY A 145 -13.50 16.67 14.05
CA GLY A 145 -13.47 17.80 13.13
C GLY A 145 -13.84 17.33 11.75
N HIS A 146 -13.40 18.06 10.74
CA HIS A 146 -13.74 17.70 9.38
C HIS A 146 -12.55 17.78 8.46
N HIS A 147 -12.17 16.64 7.93
CA HIS A 147 -10.99 16.57 7.09
C HIS A 147 -11.21 15.65 5.92
N SER A 148 -10.50 15.90 4.82
CA SER A 148 -10.59 15.07 3.63
C SER A 148 -9.32 14.35 3.22
N SER A 149 -8.26 14.46 4.02
CA SER A 149 -6.98 13.86 3.68
C SER A 149 -7.07 12.35 3.65
N MET A 150 -6.32 11.73 2.76
CA MET A 150 -6.26 10.29 2.64
C MET A 150 -5.06 9.70 3.41
N PHE A 151 -5.22 8.57 4.07
CA PHE A 151 -4.09 7.98 4.76
C PHE A 151 -3.63 6.69 4.10
N TRP A 152 -2.35 6.62 3.77
CA TRP A 152 -1.83 5.40 3.15
C TRP A 152 -0.92 4.71 4.13
N MET A 153 -1.03 3.39 4.22
CA MET A 153 -0.13 2.66 5.09
C MET A 153 0.97 2.04 4.28
N ARG A 154 2.20 2.14 4.75
CA ARG A 154 3.30 1.54 4.02
C ARG A 154 3.65 0.17 4.54
N VAL A 155 3.38 -0.83 3.71
CA VAL A 155 3.56 -2.23 4.07
C VAL A 155 4.48 -2.93 3.06
N PRO A 156 5.55 -3.57 3.48
CA PRO A 156 6.45 -4.30 2.63
C PRO A 156 5.81 -5.60 2.24
N LEU A 157 6.20 -6.19 1.12
CA LEU A 157 5.71 -7.54 0.87
C LEU A 157 6.35 -8.55 1.78
N VAL A 158 7.61 -8.35 2.10
CA VAL A 158 8.32 -9.30 2.93
C VAL A 158 8.87 -8.59 4.14
N ALA A 159 8.63 -9.15 5.31
CA ALA A 159 9.10 -8.53 6.53
C ALA A 159 10.61 -8.43 6.47
N PRO A 160 11.21 -7.33 6.94
CA PRO A 160 12.62 -7.10 6.87
C PRO A 160 13.46 -8.10 7.61
N GLU A 161 12.94 -8.75 8.62
CA GLU A 161 13.80 -9.69 9.30
C GLU A 161 14.11 -10.89 8.45
N ASP A 162 13.33 -11.13 7.42
CA ASP A 162 13.56 -12.29 6.60
C ASP A 162 14.38 -11.93 5.40
N LEU A 163 14.76 -10.67 5.32
CA LEU A 163 15.54 -10.21 4.23
C LEU A 163 16.94 -9.95 4.68
N ARG A 164 17.23 -10.31 5.91
CA ARG A 164 18.56 -10.07 6.42
C ARG A 164 19.45 -11.12 5.85
N ASP A 165 20.72 -10.83 5.77
CA ASP A 165 21.60 -11.84 5.27
C ASP A 165 22.05 -12.78 6.39
N ASP A 166 22.83 -13.81 6.05
CA ASP A 166 23.25 -14.72 7.09
C ASP A 166 24.74 -14.63 7.23
N ILE A 167 25.14 -13.68 8.05
CA ILE A 167 26.53 -13.40 8.25
C ILE A 167 26.86 -13.40 9.71
N ILE A 168 25.95 -13.94 10.51
CA ILE A 168 26.15 -13.95 11.93
C ILE A 168 26.40 -15.36 12.37
N GLU A 169 27.58 -15.61 12.92
CA GLU A 169 27.99 -16.97 13.25
C GLU A 169 27.04 -17.70 14.16
N ASN A 170 26.50 -17.01 15.14
CA ASN A 170 25.61 -17.63 16.09
C ASN A 170 24.18 -17.18 15.96
N ALA A 171 23.78 -16.74 14.78
CA ALA A 171 22.40 -16.32 14.60
C ALA A 171 22.00 -16.54 13.15
N PRO A 172 21.83 -17.80 12.74
CA PRO A 172 21.56 -18.20 11.37
C PRO A 172 20.17 -17.78 10.99
N THR A 173 19.94 -17.61 9.71
CA THR A 173 18.60 -17.28 9.29
C THR A 173 17.81 -18.55 9.26
N THR A 174 16.51 -18.42 9.14
CA THR A 174 15.69 -19.59 9.00
C THR A 174 15.99 -20.16 7.63
N HIS A 175 16.28 -21.46 7.57
CA HIS A 175 16.58 -22.13 6.30
C HIS A 175 15.61 -23.24 6.00
N THR A 176 14.42 -23.12 6.55
CA THR A 176 13.36 -24.08 6.33
C THR A 176 12.14 -23.34 5.85
N GLU A 177 11.08 -24.07 5.61
CA GLU A 177 9.87 -23.42 5.17
C GLU A 177 8.86 -23.26 6.27
N GLU A 178 8.67 -22.02 6.66
CA GLU A 178 7.71 -21.68 7.66
C GLU A 178 6.65 -20.99 6.86
N TYR A 179 5.61 -21.74 6.49
CA TYR A 179 4.64 -21.26 5.53
C TYR A 179 4.05 -19.92 5.88
N SER A 180 3.68 -19.76 7.14
CA SER A 180 3.04 -18.56 7.63
C SER A 180 3.94 -17.35 7.56
N GLY A 181 5.24 -17.57 7.37
CA GLY A 181 6.19 -16.49 7.32
C GLY A 181 5.98 -15.66 6.07
N GLU A 182 5.28 -16.21 5.10
CA GLU A 182 5.03 -15.52 3.86
C GLU A 182 3.79 -14.70 3.97
N GLU A 183 3.10 -14.79 5.10
CA GLU A 183 1.86 -14.10 5.28
C GLU A 183 1.89 -13.02 6.35
N LYS A 184 3.05 -12.81 6.94
CA LYS A 184 3.10 -11.87 8.04
C LYS A 184 2.67 -10.48 7.69
N THR A 185 3.08 -10.01 6.55
CA THR A 185 2.76 -8.67 6.20
C THR A 185 1.30 -8.51 5.91
N TRP A 186 0.70 -9.51 5.30
CA TRP A 186 -0.73 -9.40 5.03
C TRP A 186 -1.45 -9.32 6.34
N MET A 187 -1.08 -10.15 7.28
CA MET A 187 -1.77 -10.11 8.54
C MET A 187 -1.65 -8.80 9.22
N TRP A 188 -0.49 -8.18 9.17
CA TRP A 188 -0.36 -6.92 9.86
C TRP A 188 -1.39 -5.95 9.31
N TRP A 189 -1.49 -5.91 7.99
CA TRP A 189 -2.46 -5.05 7.35
C TRP A 189 -3.86 -5.38 7.74
N HIS A 190 -4.19 -6.64 7.73
CA HIS A 190 -5.52 -7.03 8.04
C HIS A 190 -5.91 -6.62 9.43
N ASN A 191 -5.06 -6.84 10.39
CA ASN A 191 -5.48 -6.46 11.70
C ASN A 191 -5.65 -4.96 11.82
N PHE A 192 -4.80 -4.20 11.18
CA PHE A 192 -4.91 -2.76 11.31
C PHE A 192 -6.26 -2.29 10.78
N ARG A 193 -6.65 -2.77 9.62
CA ARG A 193 -7.90 -2.29 9.08
C ARG A 193 -9.12 -2.71 9.86
N THR A 194 -9.06 -3.83 10.58
CA THR A 194 -10.28 -4.15 11.28
C THR A 194 -10.35 -3.31 12.51
N LEU A 195 -9.21 -2.93 13.05
CA LEU A 195 -9.23 -2.06 14.21
C LEU A 195 -9.82 -0.75 13.83
N CYS A 196 -9.55 -0.33 12.61
CA CYS A 196 -10.01 0.94 12.14
C CYS A 196 -11.31 0.87 11.35
N ASP A 197 -12.03 -0.24 11.47
CA ASP A 197 -13.34 -0.45 10.86
C ASP A 197 -13.44 -0.20 9.38
N TYR A 198 -12.44 -0.61 8.64
CA TYR A 198 -12.48 -0.45 7.21
C TYR A 198 -12.79 0.96 6.77
N SER A 199 -12.28 1.97 7.46
CA SER A 199 -12.56 3.31 7.00
C SER A 199 -12.12 3.49 5.58
N LYS A 200 -12.90 4.25 4.83
CA LYS A 200 -12.57 4.47 3.44
C LYS A 200 -11.43 5.41 3.25
N ARG A 201 -11.00 6.03 4.31
CA ARG A 201 -9.90 6.94 4.22
C ARG A 201 -8.59 6.23 4.48
N ILE A 202 -8.63 4.92 4.70
CA ILE A 202 -7.39 4.19 4.93
C ILE A 202 -7.12 3.23 3.79
N ALA A 203 -5.94 3.35 3.21
CA ALA A 203 -5.56 2.50 2.08
C ALA A 203 -4.11 2.12 2.18
N VAL A 204 -3.59 1.38 1.20
CA VAL A 204 -2.21 0.96 1.31
C VAL A 204 -1.32 1.29 0.15
N ALA A 205 -0.06 1.23 0.46
CA ALA A 205 0.98 1.34 -0.51
C ALA A 205 1.90 0.17 -0.28
N LEU A 206 2.33 -0.48 -1.35
CA LEU A 206 3.19 -1.63 -1.15
C LEU A 206 4.60 -1.39 -1.56
N GLU A 207 5.50 -1.87 -0.75
CA GLU A 207 6.92 -1.74 -1.05
C GLU A 207 7.50 -3.02 -1.60
N ILE A 208 8.03 -2.91 -2.80
CA ILE A 208 8.52 -4.06 -3.53
C ILE A 208 10.01 -4.23 -3.45
N GLY A 209 10.45 -5.37 -2.95
CA GLY A 209 11.86 -5.65 -2.86
C GLY A 209 12.32 -6.48 -4.04
N ALA A 210 13.53 -7.03 -3.97
CA ALA A 210 14.05 -7.84 -5.06
C ALA A 210 13.51 -9.26 -4.99
N ASP A 211 13.23 -9.71 -3.80
CA ASP A 211 12.76 -11.06 -3.57
C ASP A 211 11.26 -11.09 -3.61
N LEU A 212 10.69 -11.81 -4.55
CA LEU A 212 9.25 -11.82 -4.63
C LEU A 212 8.70 -13.11 -4.05
N PRO A 213 7.48 -13.11 -3.52
CA PRO A 213 6.72 -14.26 -3.08
C PRO A 213 6.33 -15.08 -4.27
N SER A 214 5.78 -16.25 -3.99
CA SER A 214 5.27 -17.15 -5.02
C SER A 214 4.07 -16.44 -5.60
N ASN A 215 3.40 -17.04 -6.56
CA ASN A 215 2.27 -16.35 -7.15
C ASN A 215 1.14 -16.13 -6.16
N HIS A 216 1.13 -16.90 -5.09
CA HIS A 216 0.09 -16.71 -4.13
C HIS A 216 0.55 -15.57 -3.31
N VAL A 217 -0.25 -15.12 -2.39
CA VAL A 217 0.03 -13.92 -1.65
C VAL A 217 0.62 -12.80 -2.52
N ILE A 218 0.14 -12.73 -3.77
CA ILE A 218 0.37 -11.69 -4.71
C ILE A 218 -1.02 -11.45 -5.02
N ASP A 219 -1.66 -12.57 -5.28
CA ASP A 219 -3.03 -12.57 -5.66
C ASP A 219 -3.88 -12.12 -4.50
N ARG A 220 -3.43 -12.43 -3.30
CA ARG A 220 -4.17 -12.06 -2.11
C ARG A 220 -4.08 -10.58 -1.87
N TRP A 221 -3.21 -9.88 -2.56
CA TRP A 221 -3.13 -8.45 -2.37
C TRP A 221 -4.06 -7.76 -3.34
N LEU A 222 -4.76 -8.51 -4.14
CA LEU A 222 -5.66 -7.90 -5.05
C LEU A 222 -6.96 -7.89 -4.30
N GLY A 223 -7.83 -6.93 -4.58
CA GLY A 223 -9.05 -6.90 -3.80
C GLY A 223 -8.77 -6.11 -2.53
N GLU A 224 -7.63 -5.43 -2.55
CA GLU A 224 -7.17 -4.62 -1.48
C GLU A 224 -7.04 -3.22 -2.07
N PRO A 225 -7.21 -2.17 -1.29
CA PRO A 225 -7.16 -0.81 -1.70
C PRO A 225 -5.78 -0.30 -1.92
N ILE A 226 -5.15 -0.80 -2.95
CA ILE A 226 -3.82 -0.36 -3.23
C ILE A 226 -3.89 0.93 -4.00
N LYS A 227 -3.21 1.94 -3.50
CA LYS A 227 -3.21 3.23 -4.16
C LYS A 227 -1.89 3.51 -4.78
N ALA A 228 -0.84 2.94 -4.21
CA ALA A 228 0.47 3.23 -4.71
C ALA A 228 1.42 2.09 -4.49
N ALA A 229 2.46 2.09 -5.28
CA ALA A 229 3.54 1.14 -5.15
C ALA A 229 4.84 1.88 -5.01
N ILE A 230 5.74 1.35 -4.20
CA ILE A 230 7.04 1.94 -3.99
C ILE A 230 8.13 1.07 -4.55
N LEU A 231 8.89 1.64 -5.44
CA LEU A 231 9.96 0.92 -6.08
C LEU A 231 11.28 1.61 -5.77
N PRO A 232 12.19 0.99 -5.05
CA PRO A 232 13.48 1.54 -4.77
C PRO A 232 14.32 1.41 -5.99
N THR A 233 15.33 2.23 -6.12
CA THR A 233 16.28 2.12 -7.22
C THR A 233 17.18 0.92 -7.10
N SER A 234 17.20 0.37 -5.92
CA SER A 234 18.00 -0.77 -5.60
C SER A 234 17.53 -2.05 -6.27
N ILE A 235 16.34 -2.08 -6.87
CA ILE A 235 15.93 -3.33 -7.50
C ILE A 235 16.04 -3.31 -9.01
N PHE A 236 16.73 -2.33 -9.56
CA PHE A 236 16.95 -2.35 -10.99
C PHE A 236 18.19 -3.12 -11.37
N LEU A 237 18.09 -3.81 -12.47
CA LEU A 237 19.20 -4.57 -13.03
C LEU A 237 19.86 -3.66 -14.00
N THR A 238 21.14 -3.84 -14.27
CA THR A 238 21.74 -2.96 -15.26
C THR A 238 21.90 -3.72 -16.56
N ASN A 239 21.40 -3.16 -17.67
CA ASN A 239 21.50 -3.85 -18.93
C ASN A 239 22.83 -3.59 -19.62
N LYS A 240 22.96 -4.12 -20.81
CA LYS A 240 24.19 -4.04 -21.60
C LYS A 240 24.59 -2.62 -22.01
N LYS A 241 23.66 -1.67 -21.97
CA LYS A 241 23.94 -0.30 -22.35
C LYS A 241 24.07 0.57 -21.11
N GLY A 242 23.99 -0.05 -19.94
CA GLY A 242 24.10 0.65 -18.67
C GLY A 242 22.79 1.24 -18.13
N PHE A 243 21.64 0.84 -18.64
CA PHE A 243 20.43 1.42 -18.13
C PHE A 243 19.70 0.49 -17.20
N PRO A 244 19.01 1.01 -16.20
CA PRO A 244 18.23 0.24 -15.28
C PRO A 244 17.07 -0.39 -16.00
N VAL A 245 16.88 -1.68 -15.75
CA VAL A 245 15.78 -2.45 -16.31
C VAL A 245 15.19 -3.36 -15.25
N LEU A 246 14.02 -3.92 -15.50
CA LEU A 246 13.48 -4.88 -14.57
C LEU A 246 13.63 -6.29 -15.04
N SER A 247 13.63 -7.20 -14.08
CA SER A 247 13.65 -8.63 -14.32
C SER A 247 12.31 -8.99 -14.88
N LYS A 248 12.18 -10.18 -15.44
CA LYS A 248 10.90 -10.54 -16.01
C LYS A 248 9.81 -10.65 -14.96
N MET A 249 10.15 -11.14 -13.78
CA MET A 249 9.11 -11.29 -12.79
C MET A 249 8.62 -9.97 -12.30
N HIS A 250 9.52 -9.02 -12.23
CA HIS A 250 9.12 -7.72 -11.80
C HIS A 250 8.26 -7.10 -12.88
N GLN A 251 8.58 -7.35 -14.15
CA GLN A 251 7.74 -6.78 -15.18
C GLN A 251 6.35 -7.34 -15.10
N ARG A 252 6.23 -8.63 -14.81
CA ARG A 252 4.90 -9.18 -14.75
C ARG A 252 4.08 -8.51 -13.67
N LEU A 253 4.70 -8.24 -12.55
CA LEU A 253 3.99 -7.59 -11.48
C LEU A 253 3.58 -6.19 -11.87
N ILE A 254 4.46 -5.46 -12.56
CA ILE A 254 4.11 -4.11 -12.96
C ILE A 254 2.94 -4.13 -13.89
N PHE A 255 2.92 -5.03 -14.85
CA PHE A 255 1.82 -5.00 -15.76
C PHE A 255 0.53 -5.22 -15.02
N ARG A 256 0.53 -6.11 -14.05
CA ARG A 256 -0.69 -6.30 -13.31
C ARG A 256 -1.10 -5.01 -12.59
N LEU A 257 -0.15 -4.34 -11.97
CA LEU A 257 -0.45 -3.11 -11.23
C LEU A 257 -0.96 -2.02 -12.11
N LEU A 258 -0.52 -1.97 -13.34
CA LEU A 258 -0.98 -0.91 -14.20
C LEU A 258 -2.48 -0.98 -14.37
N LYS A 259 -3.08 -2.16 -14.28
CA LYS A 259 -4.52 -2.29 -14.47
C LYS A 259 -5.32 -1.63 -13.36
N LEU A 260 -4.71 -1.41 -12.21
CA LEU A 260 -5.43 -0.78 -11.13
C LEU A 260 -5.12 0.70 -11.05
N GLU A 261 -4.34 1.20 -12.00
CA GLU A 261 -3.96 2.60 -12.05
C GLU A 261 -3.38 3.12 -10.74
N VAL A 262 -2.47 2.38 -10.16
CA VAL A 262 -1.84 2.81 -8.93
C VAL A 262 -0.79 3.81 -9.28
N GLN A 263 -0.43 4.64 -8.34
CA GLN A 263 0.63 5.58 -8.61
C GLN A 263 1.97 4.98 -8.25
N PHE A 264 3.02 5.40 -8.92
CA PHE A 264 4.33 4.88 -8.59
C PHE A 264 5.25 5.87 -7.95
N ILE A 265 5.90 5.45 -6.89
CA ILE A 265 6.85 6.30 -6.20
C ILE A 265 8.23 5.71 -6.25
N ILE A 266 9.18 6.53 -6.65
CA ILE A 266 10.56 6.09 -6.71
C ILE A 266 11.34 6.58 -5.52
N THR A 267 11.97 5.64 -4.82
CA THR A 267 12.74 5.98 -3.63
C THR A 267 14.16 5.50 -3.72
N GLY A 268 14.94 5.86 -2.71
CA GLY A 268 16.36 5.51 -2.64
C GLY A 268 17.20 6.53 -3.39
N THR A 269 18.52 6.33 -3.44
CA THR A 269 19.36 7.30 -4.12
C THR A 269 19.70 6.84 -5.52
N ASN A 270 20.45 7.64 -6.23
CA ASN A 270 20.74 7.35 -7.62
C ASN A 270 21.94 6.44 -7.78
N HIS A 271 21.70 5.18 -8.14
CA HIS A 271 22.77 4.17 -8.23
C HIS A 271 23.35 4.13 -9.62
N HIS A 272 22.81 4.96 -10.49
CA HIS A 272 23.20 5.05 -11.88
C HIS A 272 23.32 6.53 -12.18
N SER A 273 24.15 7.24 -11.41
CA SER A 273 24.17 8.69 -11.50
C SER A 273 24.63 9.18 -12.84
N GLU A 274 25.45 8.38 -13.48
CA GLU A 274 26.00 8.66 -14.78
C GLU A 274 24.95 8.64 -15.89
N LYS A 275 23.75 8.12 -15.60
CA LYS A 275 22.72 8.08 -16.63
C LYS A 275 21.56 9.05 -16.40
N GLU A 276 21.64 9.89 -15.37
CA GLU A 276 20.55 10.85 -15.03
C GLU A 276 19.44 10.08 -14.31
N PHE A 277 19.00 10.56 -13.15
CA PHE A 277 17.97 9.93 -12.32
C PHE A 277 16.66 9.70 -13.08
N CYS A 278 16.27 10.66 -13.90
CA CYS A 278 15.00 10.57 -14.62
C CYS A 278 14.89 9.35 -15.54
N SER A 279 15.99 8.68 -15.80
CA SER A 279 15.98 7.52 -16.65
C SER A 279 15.14 6.40 -16.06
N TYR A 280 14.89 6.46 -14.75
CA TYR A 280 14.08 5.42 -14.16
C TYR A 280 12.63 5.59 -14.62
N LEU A 281 12.21 6.83 -14.85
CA LEU A 281 10.85 7.05 -15.27
C LEU A 281 10.71 6.65 -16.69
N GLN A 282 11.77 6.85 -17.46
CA GLN A 282 11.69 6.54 -18.86
C GLN A 282 11.48 5.06 -19.03
N TYR A 283 12.15 4.26 -18.22
CA TYR A 283 11.96 2.84 -18.31
C TYR A 283 10.53 2.48 -17.97
N LEU A 284 10.01 3.06 -16.90
CA LEU A 284 8.65 2.71 -16.53
C LEU A 284 7.67 3.07 -17.63
N GLU A 285 7.84 4.22 -18.28
CA GLU A 285 6.91 4.55 -19.35
C GLU A 285 7.04 3.58 -20.49
N TYR A 286 8.26 3.17 -20.81
CA TYR A 286 8.42 2.21 -21.87
C TYR A 286 7.56 1.00 -21.61
N LEU A 287 7.60 0.45 -20.41
CA LEU A 287 6.81 -0.72 -20.23
C LEU A 287 5.33 -0.46 -20.38
N SER A 288 4.83 0.66 -19.86
CA SER A 288 3.39 0.84 -19.95
C SER A 288 2.94 1.06 -21.38
N GLN A 289 3.82 1.56 -22.22
CA GLN A 289 3.43 1.83 -23.59
C GLN A 289 3.51 0.61 -24.45
N ASN A 290 3.98 -0.48 -23.90
CA ASN A 290 4.08 -1.71 -24.62
C ASN A 290 3.16 -2.75 -24.02
N ARG A 291 2.23 -2.30 -23.19
CA ARG A 291 1.28 -3.24 -22.66
C ARG A 291 0.36 -3.48 -23.83
N PRO A 292 -0.31 -4.62 -23.95
CA PRO A 292 -1.24 -4.87 -25.02
C PRO A 292 -2.44 -3.94 -24.86
N PRO A 293 -3.10 -3.54 -25.95
CA PRO A 293 -4.26 -2.68 -25.96
C PRO A 293 -5.47 -3.41 -25.41
N PRO A 294 -6.48 -2.69 -24.91
CA PRO A 294 -7.74 -3.20 -24.43
C PRO A 294 -8.62 -3.65 -25.56
N ASN A 295 -9.47 -4.62 -25.30
CA ASN A 295 -10.45 -5.05 -26.27
C ASN A 295 -11.74 -4.25 -26.10
N ALA A 296 -12.73 -4.54 -26.93
CA ALA A 296 -13.99 -3.81 -26.87
C ALA A 296 -14.69 -3.95 -25.54
N TYR A 297 -14.57 -5.09 -24.89
CA TYR A 297 -15.27 -5.29 -23.66
C TYR A 297 -14.75 -4.29 -22.66
N GLU A 298 -13.44 -4.24 -22.59
CA GLU A 298 -12.78 -3.37 -21.65
C GLU A 298 -13.01 -1.92 -21.96
N LEU A 299 -13.06 -1.57 -23.22
CA LEU A 299 -13.30 -0.19 -23.56
C LEU A 299 -14.70 0.21 -23.18
N PHE A 300 -15.64 -0.67 -23.44
CA PHE A 300 -17.03 -0.44 -23.16
C PHE A 300 -17.23 -0.18 -21.68
N ALA A 301 -16.59 -1.00 -20.88
CA ALA A 301 -16.71 -0.97 -19.44
C ALA A 301 -15.90 0.14 -18.77
N LYS A 302 -15.12 0.89 -19.52
CA LYS A 302 -14.30 1.88 -18.86
C LYS A 302 -15.15 2.88 -18.12
N GLY A 303 -14.79 3.12 -16.86
CA GLY A 303 -15.50 4.07 -16.03
C GLY A 303 -16.51 3.44 -15.08
N TYR A 304 -16.77 2.15 -15.22
CA TYR A 304 -17.74 1.48 -14.35
C TYR A 304 -17.12 0.51 -13.38
N GLU A 305 -15.82 0.55 -13.25
CA GLU A 305 -15.20 -0.44 -12.40
C GLU A 305 -15.68 -0.33 -10.99
N ASP A 306 -16.12 -1.47 -10.47
CA ASP A 306 -16.59 -1.64 -9.13
C ASP A 306 -17.68 -0.65 -8.77
N TYR A 307 -18.51 -0.32 -9.75
CA TYR A 307 -19.63 0.58 -9.56
C TYR A 307 -20.92 -0.20 -9.40
N LEU A 308 -21.67 0.06 -8.35
CA LEU A 308 -22.89 -0.74 -8.17
C LEU A 308 -24.13 -0.13 -8.75
N GLN A 309 -24.98 -0.97 -9.35
CA GLN A 309 -26.28 -0.57 -9.85
C GLN A 309 -27.37 -1.54 -9.43
N SER A 310 -28.56 -1.04 -9.19
CA SER A 310 -29.68 -1.93 -8.93
C SER A 310 -29.99 -2.63 -10.24
N PRO A 311 -30.45 -3.88 -10.24
CA PRO A 311 -30.87 -4.62 -11.40
C PRO A 311 -32.14 -4.06 -11.94
N LEU A 312 -32.40 -4.24 -13.23
CA LEU A 312 -33.66 -3.80 -13.82
C LEU A 312 -34.77 -4.81 -13.58
N GLN A 313 -36.03 -4.36 -13.54
CA GLN A 313 -37.16 -5.31 -13.49
C GLN A 313 -38.26 -4.98 -14.49
N PRO A 314 -38.05 -5.25 -15.79
CA PRO A 314 -38.90 -4.87 -16.91
C PRO A 314 -40.29 -5.45 -16.87
N LEU A 315 -40.51 -6.50 -16.10
CA LEU A 315 -41.85 -7.03 -16.08
C LEU A 315 -42.75 -6.02 -15.41
N MET A 316 -42.21 -5.35 -14.40
CA MET A 316 -42.98 -4.43 -13.62
C MET A 316 -42.86 -3.01 -14.10
N ASP A 317 -41.65 -2.58 -14.38
CA ASP A 317 -41.44 -1.19 -14.78
C ASP A 317 -41.27 -1.05 -16.28
N ASN A 318 -41.86 -0.04 -16.87
CA ASN A 318 -41.60 0.16 -18.27
C ASN A 318 -40.27 0.83 -18.45
N LEU A 319 -39.46 0.26 -19.30
CA LEU A 319 -38.17 0.83 -19.58
C LEU A 319 -38.29 1.98 -20.55
N GLU A 320 -37.40 2.95 -20.41
CA GLU A 320 -37.33 4.07 -21.33
C GLU A 320 -36.41 3.75 -22.49
N SER A 321 -36.63 4.47 -23.58
CA SER A 321 -35.91 4.37 -24.82
C SER A 321 -34.41 4.23 -24.69
N GLN A 322 -33.78 4.98 -23.81
CA GLN A 322 -32.34 4.87 -23.74
C GLN A 322 -31.87 3.51 -23.30
N THR A 323 -32.63 2.83 -22.48
CA THR A 323 -32.18 1.54 -22.04
C THR A 323 -32.16 0.63 -23.23
N TYR A 324 -33.20 0.74 -24.03
CA TYR A 324 -33.28 -0.12 -25.20
C TYR A 324 -32.15 0.20 -26.15
N GLU A 325 -31.84 1.47 -26.29
CA GLU A 325 -30.79 1.85 -27.21
C GLU A 325 -29.49 1.17 -26.83
N VAL A 326 -29.21 1.09 -25.55
CA VAL A 326 -28.01 0.43 -25.13
C VAL A 326 -28.07 -1.07 -25.33
N PHE A 327 -29.20 -1.69 -25.02
CA PHE A 327 -29.27 -3.13 -25.16
C PHE A 327 -28.97 -3.57 -26.56
N GLU A 328 -29.40 -2.81 -27.52
CA GLU A 328 -29.20 -3.15 -28.90
C GLU A 328 -27.77 -2.99 -29.42
N LYS A 329 -26.89 -2.30 -28.72
CA LYS A 329 -25.55 -2.10 -29.26
C LYS A 329 -24.59 -3.22 -28.96
N ASP A 330 -24.89 -4.41 -29.41
CA ASP A 330 -24.02 -5.54 -29.13
C ASP A 330 -24.33 -6.67 -30.11
N PRO A 331 -23.84 -6.56 -31.36
CA PRO A 331 -24.25 -7.33 -32.52
C PRO A 331 -23.98 -8.80 -32.41
N ILE A 332 -23.08 -9.19 -31.54
CA ILE A 332 -22.79 -10.60 -31.43
C ILE A 332 -24.02 -11.35 -30.97
N LYS A 333 -24.83 -10.73 -30.12
CA LYS A 333 -25.97 -11.44 -29.61
C LYS A 333 -26.96 -11.72 -30.69
N TYR A 334 -27.19 -10.73 -31.51
CA TYR A 334 -28.21 -10.90 -32.50
C TYR A 334 -27.78 -11.84 -33.55
N SER A 335 -26.50 -11.87 -33.84
CA SER A 335 -26.05 -12.82 -34.84
C SER A 335 -26.28 -14.21 -34.34
N GLN A 336 -26.08 -14.45 -33.05
CA GLN A 336 -26.29 -15.79 -32.55
C GLN A 336 -27.76 -16.17 -32.60
N TYR A 337 -28.65 -15.22 -32.32
CA TYR A 337 -30.05 -15.54 -32.43
C TYR A 337 -30.43 -15.85 -33.84
N GLN A 338 -29.88 -15.09 -34.77
CA GLN A 338 -30.25 -15.30 -36.13
C GLN A 338 -29.85 -16.69 -36.57
N GLN A 339 -28.67 -17.15 -36.13
CA GLN A 339 -28.27 -18.47 -36.50
C GLN A 339 -29.15 -19.52 -35.90
N ALA A 340 -29.59 -19.30 -34.68
CA ALA A 340 -30.45 -20.27 -34.06
C ALA A 340 -31.74 -20.41 -34.82
N ILE A 341 -32.27 -19.30 -35.28
CA ILE A 341 -33.51 -19.36 -35.99
C ILE A 341 -33.33 -20.03 -37.31
N TYR A 342 -32.27 -19.65 -37.99
CA TYR A 342 -31.99 -20.17 -39.29
C TYR A 342 -31.92 -21.67 -39.26
N LYS A 343 -31.17 -22.22 -38.33
CA LYS A 343 -31.08 -23.65 -38.29
C LYS A 343 -32.41 -24.25 -37.92
N CYS A 344 -33.12 -23.66 -36.98
CA CYS A 344 -34.37 -24.23 -36.62
C CYS A 344 -35.33 -24.33 -37.77
N LEU A 345 -35.43 -23.28 -38.59
CA LEU A 345 -36.36 -23.34 -39.69
C LEU A 345 -36.00 -24.44 -40.67
N LEU A 346 -34.72 -24.56 -40.96
CA LEU A 346 -34.26 -25.54 -41.91
C LEU A 346 -34.48 -26.94 -41.41
N ASP A 347 -34.39 -27.11 -40.11
CA ASP A 347 -34.59 -28.41 -39.52
C ASP A 347 -36.05 -28.81 -39.42
N ARG A 348 -36.99 -27.91 -39.70
CA ARG A 348 -38.39 -28.28 -39.57
C ARG A 348 -39.05 -28.40 -40.92
N VAL A 349 -38.61 -27.60 -41.89
CA VAL A 349 -39.25 -27.62 -43.18
C VAL A 349 -38.30 -28.07 -44.29
N PRO A 350 -38.58 -29.20 -44.97
CA PRO A 350 -37.79 -29.78 -46.03
C PRO A 350 -37.95 -28.94 -47.28
N GLU A 351 -37.05 -29.09 -48.23
CA GLU A 351 -37.15 -28.31 -49.46
C GLU A 351 -38.42 -28.60 -50.23
N GLU A 352 -38.87 -29.83 -50.21
CA GLU A 352 -40.02 -30.25 -50.98
C GLU A 352 -41.34 -29.59 -50.57
N GLU A 353 -41.42 -29.09 -49.36
CA GLU A 353 -42.64 -28.46 -48.86
C GLU A 353 -42.45 -26.97 -48.76
N LYS A 354 -41.31 -26.50 -49.22
CA LYS A 354 -40.94 -25.12 -49.03
C LYS A 354 -41.96 -24.09 -49.44
N ASP A 355 -42.50 -24.20 -50.62
CA ASP A 355 -43.34 -23.10 -51.06
C ASP A 355 -44.79 -23.26 -50.68
N THR A 356 -45.11 -24.34 -49.98
CA THR A 356 -46.48 -24.58 -49.59
C THR A 356 -46.60 -24.56 -48.08
N ASN A 357 -45.51 -24.21 -47.40
CA ASN A 357 -45.52 -24.28 -45.97
C ASN A 357 -45.08 -23.01 -45.28
N VAL A 358 -45.95 -22.47 -44.45
CA VAL A 358 -45.62 -21.25 -43.75
C VAL A 358 -45.55 -21.50 -42.26
N GLN A 359 -44.42 -21.15 -41.69
CA GLN A 359 -44.19 -21.31 -40.28
C GLN A 359 -44.64 -20.11 -39.51
N VAL A 360 -45.04 -20.32 -38.28
CA VAL A 360 -45.44 -19.19 -37.48
C VAL A 360 -44.54 -19.06 -36.28
N LEU A 361 -43.98 -17.87 -36.14
CA LEU A 361 -43.08 -17.57 -35.06
C LEU A 361 -43.61 -16.43 -34.26
N MET A 362 -43.35 -16.47 -32.97
CA MET A 362 -43.79 -15.39 -32.14
C MET A 362 -42.63 -14.83 -31.35
N VAL A 363 -42.62 -13.53 -31.22
CA VAL A 363 -41.59 -12.87 -30.45
C VAL A 363 -42.20 -12.28 -29.21
N LEU A 364 -41.80 -12.79 -28.08
CA LEU A 364 -42.39 -12.33 -26.85
C LEU A 364 -41.43 -11.41 -26.17
N GLY A 365 -41.84 -10.17 -25.97
CA GLY A 365 -40.94 -9.17 -25.40
C GLY A 365 -40.21 -8.51 -26.56
N ALA A 366 -40.99 -8.16 -27.55
CA ALA A 366 -40.48 -7.57 -28.77
C ALA A 366 -39.68 -6.29 -28.58
N GLY A 367 -39.97 -5.47 -27.58
CA GLY A 367 -39.20 -4.26 -27.42
C GLY A 367 -39.31 -3.36 -28.63
N ARG A 368 -38.18 -2.96 -29.19
CA ARG A 368 -38.20 -2.06 -30.34
C ARG A 368 -38.06 -2.85 -31.62
N GLY A 369 -38.11 -4.15 -31.48
CA GLY A 369 -38.06 -5.16 -32.52
C GLY A 369 -36.74 -5.56 -33.18
N PRO A 370 -35.57 -5.54 -32.53
CA PRO A 370 -34.35 -5.96 -33.16
C PRO A 370 -34.41 -7.45 -33.50
N LEU A 371 -35.26 -8.18 -32.79
CA LEU A 371 -35.40 -9.59 -33.05
C LEU A 371 -36.32 -9.82 -34.19
N VAL A 372 -37.15 -8.84 -34.49
CA VAL A 372 -38.06 -9.01 -35.56
C VAL A 372 -37.23 -8.93 -36.79
N ASN A 373 -36.33 -7.97 -36.81
CA ASN A 373 -35.51 -7.86 -37.97
C ASN A 373 -34.61 -9.07 -38.11
N ALA A 374 -34.11 -9.59 -37.00
CA ALA A 374 -33.27 -10.76 -37.10
C ALA A 374 -34.05 -11.95 -37.61
N SER A 375 -35.29 -12.07 -37.18
CA SER A 375 -36.12 -13.17 -37.61
C SER A 375 -36.36 -13.11 -39.08
N LEU A 376 -36.66 -11.92 -39.58
CA LEU A 376 -36.93 -11.80 -40.99
C LEU A 376 -35.69 -12.14 -41.78
N ARG A 377 -34.52 -11.72 -41.31
CA ARG A 377 -33.32 -12.04 -42.04
C ARG A 377 -33.07 -13.53 -42.05
N ALA A 378 -33.30 -14.20 -40.93
CA ALA A 378 -33.06 -15.62 -40.92
C ALA A 378 -33.95 -16.32 -41.91
N ALA A 379 -35.20 -15.90 -41.97
CA ALA A 379 -36.12 -16.53 -42.88
C ALA A 379 -35.69 -16.34 -44.30
N LYS A 380 -35.13 -15.18 -44.59
CA LYS A 380 -34.70 -14.96 -45.93
C LYS A 380 -33.55 -15.88 -46.27
N GLN A 381 -32.59 -16.01 -45.37
CA GLN A 381 -31.43 -16.84 -45.64
C GLN A 381 -31.81 -18.28 -45.82
N ALA A 382 -32.78 -18.71 -45.05
CA ALA A 382 -33.24 -20.07 -45.07
C ALA A 382 -34.17 -20.34 -46.23
N ASP A 383 -34.59 -19.33 -46.95
CA ASP A 383 -35.58 -19.49 -47.99
C ASP A 383 -36.81 -20.20 -47.46
N ARG A 384 -37.38 -19.69 -46.37
CA ARG A 384 -38.59 -20.29 -45.83
C ARG A 384 -39.65 -19.24 -45.54
N ARG A 385 -40.89 -19.56 -45.82
CA ARG A 385 -41.98 -18.63 -45.60
C ARG A 385 -42.42 -18.60 -44.15
N ILE A 386 -42.54 -17.39 -43.60
CA ILE A 386 -42.97 -17.22 -42.23
C ILE A 386 -44.04 -16.16 -42.04
N LYS A 387 -44.68 -16.22 -40.88
CA LYS A 387 -45.59 -15.18 -40.37
C LYS A 387 -45.13 -14.76 -38.99
N LEU A 388 -45.12 -13.45 -38.68
CA LEU A 388 -44.70 -13.06 -37.33
C LEU A 388 -45.70 -12.34 -36.48
N TYR A 389 -45.70 -12.69 -35.21
CA TYR A 389 -46.45 -11.95 -34.21
C TYR A 389 -45.51 -11.35 -33.20
N ALA A 390 -45.56 -10.06 -33.06
CA ALA A 390 -44.72 -9.37 -32.10
C ALA A 390 -45.57 -8.96 -30.94
N VAL A 391 -45.20 -9.39 -29.77
CA VAL A 391 -46.02 -9.08 -28.62
C VAL A 391 -45.21 -8.30 -27.62
N GLU A 392 -45.76 -7.18 -27.20
CA GLU A 392 -45.11 -6.33 -26.19
C GLU A 392 -46.16 -5.67 -25.31
N LYS A 393 -45.83 -5.44 -24.04
CA LYS A 393 -46.75 -4.78 -23.13
C LYS A 393 -46.45 -3.31 -22.98
N ASN A 394 -45.19 -2.95 -23.09
CA ASN A 394 -44.78 -1.59 -22.85
C ASN A 394 -45.32 -0.69 -23.93
N PRO A 395 -46.28 0.18 -23.66
CA PRO A 395 -46.94 0.97 -24.66
C PRO A 395 -46.00 1.96 -25.29
N ASN A 396 -44.87 2.21 -24.65
CA ASN A 396 -43.96 3.18 -25.18
C ASN A 396 -43.00 2.52 -26.13
N ALA A 397 -43.17 1.23 -26.28
CA ALA A 397 -42.43 0.45 -27.22
C ALA A 397 -43.37 0.10 -28.34
N VAL A 398 -44.62 -0.11 -27.98
CA VAL A 398 -45.60 -0.49 -28.98
C VAL A 398 -45.69 0.59 -30.00
N VAL A 399 -45.63 1.80 -29.54
CA VAL A 399 -45.69 2.91 -30.43
C VAL A 399 -44.57 2.92 -31.48
N THR A 400 -43.39 2.36 -31.22
CA THR A 400 -42.41 2.39 -32.28
C THR A 400 -42.74 1.26 -33.23
N LEU A 401 -43.26 0.19 -32.68
CA LEU A 401 -43.55 -0.96 -33.50
C LEU A 401 -44.63 -0.60 -34.50
N GLU A 402 -45.60 0.23 -34.10
CA GLU A 402 -46.62 0.61 -35.06
C GLU A 402 -45.99 1.24 -36.27
N ASN A 403 -44.98 2.07 -36.06
CA ASN A 403 -44.39 2.72 -37.18
C ASN A 403 -43.63 1.73 -38.00
N TRP A 404 -42.96 0.80 -37.36
CA TRP A 404 -42.22 -0.15 -38.16
C TRP A 404 -43.13 -0.94 -39.06
N GLN A 405 -44.26 -1.34 -38.51
CA GLN A 405 -45.18 -2.14 -39.26
C GLN A 405 -45.63 -1.40 -40.47
N PHE A 406 -46.01 -0.16 -40.26
CA PHE A 406 -46.52 0.64 -41.33
C PHE A 406 -45.51 0.99 -42.40
N GLU A 407 -44.36 1.48 -41.99
CA GLU A 407 -43.40 1.95 -42.93
C GLU A 407 -42.63 0.90 -43.70
N GLU A 408 -42.26 -0.21 -43.07
CA GLU A 408 -41.46 -1.19 -43.79
C GLU A 408 -41.90 -2.63 -43.72
N TRP A 409 -42.25 -3.12 -42.55
CA TRP A 409 -42.48 -4.54 -42.45
C TRP A 409 -43.65 -5.01 -43.27
N GLY A 410 -44.73 -4.25 -43.25
CA GLY A 410 -45.90 -4.64 -43.99
C GLY A 410 -46.72 -5.63 -43.20
N SER A 411 -47.66 -6.26 -43.90
CA SER A 411 -48.65 -7.15 -43.32
C SER A 411 -48.10 -8.44 -42.77
N GLN A 412 -46.88 -8.79 -43.14
CA GLN A 412 -46.30 -10.01 -42.65
C GLN A 412 -46.04 -9.94 -41.15
N VAL A 413 -46.03 -8.73 -40.58
CA VAL A 413 -45.81 -8.64 -39.15
C VAL A 413 -47.01 -8.03 -38.47
N THR A 414 -47.55 -8.76 -37.52
CA THR A 414 -48.68 -8.35 -36.70
C THR A 414 -48.18 -7.85 -35.37
N VAL A 415 -48.68 -6.70 -34.93
CA VAL A 415 -48.23 -6.15 -33.66
C VAL A 415 -49.35 -6.17 -32.63
N VAL A 416 -49.08 -6.79 -31.51
CA VAL A 416 -50.03 -6.96 -30.44
C VAL A 416 -49.63 -6.28 -29.16
N SER A 417 -50.51 -5.47 -28.62
CA SER A 417 -50.19 -4.81 -27.37
C SER A 417 -50.90 -5.50 -26.23
N SER A 418 -50.15 -6.25 -25.44
CA SER A 418 -50.70 -7.01 -24.33
C SER A 418 -49.67 -7.67 -23.44
N ASP A 419 -50.14 -8.24 -22.36
CA ASP A 419 -49.36 -9.06 -21.45
C ASP A 419 -49.36 -10.46 -22.01
N MET A 420 -48.19 -11.01 -22.29
CA MET A 420 -48.14 -12.32 -22.93
C MET A 420 -48.82 -13.41 -22.11
N ARG A 421 -48.99 -13.21 -20.80
CA ARG A 421 -49.61 -14.21 -19.97
C ARG A 421 -51.13 -14.17 -20.03
N GLU A 422 -51.67 -13.07 -20.54
CA GLU A 422 -53.12 -12.88 -20.60
C GLU A 422 -53.67 -12.97 -22.00
N TRP A 423 -52.86 -12.63 -22.96
CA TRP A 423 -53.30 -12.57 -24.33
C TRP A 423 -53.69 -13.90 -24.91
N VAL A 424 -54.80 -13.91 -25.60
CA VAL A 424 -55.20 -15.11 -26.27
C VAL A 424 -54.81 -15.04 -27.70
N ALA A 425 -53.85 -15.84 -28.09
CA ALA A 425 -53.41 -15.85 -29.45
C ALA A 425 -54.48 -16.52 -30.26
N PRO A 426 -54.77 -16.06 -31.49
CA PRO A 426 -55.70 -16.68 -32.40
C PRO A 426 -55.21 -17.97 -33.03
N GLU A 427 -53.91 -18.18 -33.00
CA GLU A 427 -53.31 -19.32 -33.68
C GLU A 427 -52.22 -19.92 -32.84
N LYS A 428 -51.98 -21.21 -32.98
CA LYS A 428 -50.82 -21.77 -32.31
C LYS A 428 -49.62 -21.60 -33.21
N ALA A 429 -48.46 -21.46 -32.61
CA ALA A 429 -47.22 -21.27 -33.36
C ALA A 429 -46.23 -22.30 -33.00
N ASP A 430 -45.27 -22.61 -33.88
CA ASP A 430 -44.33 -23.61 -33.42
C ASP A 430 -42.99 -23.08 -32.96
N ILE A 431 -42.71 -21.80 -33.16
CA ILE A 431 -41.44 -21.34 -32.62
C ILE A 431 -41.61 -20.13 -31.74
N ILE A 432 -41.13 -20.22 -30.51
CA ILE A 432 -41.19 -19.07 -29.63
C ILE A 432 -39.82 -18.55 -29.35
N VAL A 433 -39.62 -17.28 -29.63
CA VAL A 433 -38.35 -16.63 -29.45
C VAL A 433 -38.44 -15.56 -28.40
N SER A 434 -37.52 -15.58 -27.46
CA SER A 434 -37.56 -14.53 -26.45
C SER A 434 -36.18 -14.12 -25.98
N GLU A 435 -36.13 -12.95 -25.38
CA GLU A 435 -34.93 -12.38 -24.82
C GLU A 435 -35.22 -11.92 -23.43
N LEU A 436 -35.49 -12.86 -22.56
CA LEU A 436 -35.89 -12.53 -21.21
C LEU A 436 -34.85 -12.82 -20.19
N LEU A 437 -33.64 -13.14 -20.59
CA LEU A 437 -32.68 -13.47 -19.56
C LEU A 437 -32.16 -12.21 -18.95
N GLY A 438 -31.88 -12.28 -17.67
CA GLY A 438 -31.23 -11.19 -16.98
C GLY A 438 -29.84 -11.61 -16.61
N SER A 439 -29.20 -10.85 -15.76
CA SER A 439 -27.83 -11.15 -15.42
C SER A 439 -27.64 -12.46 -14.69
N PHE A 440 -28.66 -12.99 -14.03
CA PHE A 440 -28.50 -14.24 -13.32
C PHE A 440 -29.40 -15.28 -13.94
N ALA A 441 -29.82 -15.02 -15.16
CA ALA A 441 -30.68 -15.86 -15.97
C ALA A 441 -32.14 -15.94 -15.52
N ASP A 442 -32.45 -16.35 -14.31
CA ASP A 442 -33.86 -16.47 -13.93
C ASP A 442 -34.39 -15.32 -13.09
N ASN A 443 -33.65 -14.26 -12.93
CA ASN A 443 -34.09 -13.19 -12.05
C ASN A 443 -35.01 -12.21 -12.70
N GLU A 444 -35.36 -12.48 -13.93
CA GLU A 444 -36.29 -11.67 -14.68
C GLU A 444 -37.64 -12.30 -14.71
N LEU A 445 -37.80 -13.42 -14.01
CA LEU A 445 -39.03 -14.15 -14.03
C LEU A 445 -39.33 -14.68 -15.41
N SER A 446 -38.29 -15.03 -16.13
CA SER A 446 -38.52 -15.56 -17.42
C SER A 446 -39.29 -16.87 -17.43
N PRO A 447 -39.13 -17.84 -16.50
CA PRO A 447 -39.87 -19.04 -16.60
C PRO A 447 -41.32 -18.82 -16.29
N GLU A 448 -41.66 -17.80 -15.53
CA GLU A 448 -43.07 -17.62 -15.28
C GLU A 448 -43.73 -17.12 -16.52
N CYS A 449 -43.05 -16.22 -17.18
CA CYS A 449 -43.62 -15.65 -18.37
C CYS A 449 -43.81 -16.68 -19.44
N LEU A 450 -42.80 -17.53 -19.61
CA LEU A 450 -42.87 -18.53 -20.63
C LEU A 450 -43.80 -19.66 -20.28
N ASP A 451 -43.93 -20.03 -19.02
CA ASP A 451 -44.85 -21.10 -18.74
C ASP A 451 -46.24 -20.64 -19.07
N GLY A 452 -46.52 -19.38 -18.77
CA GLY A 452 -47.83 -18.86 -19.08
C GLY A 452 -48.02 -18.98 -20.57
N ALA A 453 -47.09 -18.40 -21.31
CA ALA A 453 -47.17 -18.41 -22.76
C ALA A 453 -46.62 -19.70 -23.33
N GLN A 454 -47.14 -20.81 -22.84
CA GLN A 454 -46.80 -22.12 -23.30
C GLN A 454 -48.00 -22.74 -23.96
N HIS A 455 -49.19 -22.34 -23.56
CA HIS A 455 -50.38 -23.02 -24.07
C HIS A 455 -50.65 -22.75 -25.53
N PHE A 456 -50.01 -21.74 -26.09
CA PHE A 456 -50.24 -21.47 -27.50
C PHE A 456 -49.10 -21.98 -28.37
N LEU A 457 -48.21 -22.75 -27.77
CA LEU A 457 -47.14 -23.35 -28.55
C LEU A 457 -47.71 -24.63 -29.09
N LYS A 458 -47.42 -24.96 -30.33
CA LYS A 458 -47.86 -26.23 -30.85
C LYS A 458 -47.17 -27.32 -30.08
N ASP A 459 -47.80 -28.45 -29.97
CA ASP A 459 -47.23 -29.51 -29.17
C ASP A 459 -45.87 -30.02 -29.67
N ASP A 460 -45.58 -29.88 -30.95
CA ASP A 460 -44.32 -30.32 -31.47
C ASP A 460 -43.35 -29.16 -31.69
N GLY A 461 -43.61 -28.01 -31.04
CA GLY A 461 -42.80 -26.83 -31.19
C GLY A 461 -41.54 -26.79 -30.33
N VAL A 462 -40.84 -25.66 -30.46
CA VAL A 462 -39.57 -25.41 -29.80
C VAL A 462 -39.44 -24.03 -29.18
N SER A 463 -38.71 -23.97 -28.07
CA SER A 463 -38.42 -22.71 -27.41
C SER A 463 -36.99 -22.27 -27.66
N ILE A 464 -36.82 -21.00 -28.01
CA ILE A 464 -35.51 -20.39 -28.18
C ILE A 464 -35.39 -19.20 -27.24
N PRO A 465 -34.60 -19.29 -26.18
CA PRO A 465 -33.71 -20.33 -25.75
C PRO A 465 -34.47 -21.51 -25.31
N GLY A 466 -33.85 -22.65 -25.43
CA GLY A 466 -34.45 -23.86 -24.94
C GLY A 466 -34.00 -24.14 -23.53
N GLU A 467 -32.76 -23.77 -23.23
CA GLU A 467 -32.24 -24.04 -21.89
C GLU A 467 -31.41 -22.93 -21.34
N TYR A 468 -31.41 -22.79 -20.04
CA TYR A 468 -30.49 -21.89 -19.41
C TYR A 468 -30.12 -22.32 -18.03
N THR A 469 -28.93 -21.94 -17.64
CA THR A 469 -28.41 -22.28 -16.34
C THR A 469 -27.74 -21.11 -15.68
N SER A 470 -27.26 -21.33 -14.48
CA SER A 470 -26.65 -20.29 -13.68
C SER A 470 -25.51 -20.85 -12.86
N PHE A 471 -24.55 -19.99 -12.55
CA PHE A 471 -23.37 -20.33 -11.78
C PHE A 471 -23.03 -19.38 -10.67
N LEU A 472 -22.41 -19.92 -9.63
CA LEU A 472 -21.92 -19.16 -8.49
C LEU A 472 -20.48 -19.45 -8.12
N ALA A 473 -19.77 -18.45 -7.60
CA ALA A 473 -18.45 -18.65 -7.03
C ALA A 473 -18.21 -17.67 -5.90
N PRO A 474 -17.49 -18.04 -4.83
CA PRO A 474 -17.09 -17.18 -3.75
C PRO A 474 -16.05 -16.18 -4.16
N ILE A 475 -16.19 -14.95 -3.67
CA ILE A 475 -15.21 -13.90 -3.92
C ILE A 475 -14.80 -13.13 -2.68
N SER A 476 -13.72 -12.39 -2.83
CA SER A 476 -13.23 -11.46 -1.82
C SER A 476 -12.83 -10.11 -2.36
N SER A 477 -13.27 -9.07 -1.68
CA SER A 477 -12.95 -7.69 -2.00
C SER A 477 -13.36 -6.77 -0.89
N SER A 478 -12.38 -6.11 -0.31
CA SER A 478 -12.75 -5.24 0.79
C SER A 478 -13.31 -3.96 0.23
N LYS A 479 -12.93 -3.63 -0.99
CA LYS A 479 -13.45 -2.42 -1.56
C LYS A 479 -14.93 -2.55 -1.78
N LEU A 480 -15.36 -3.69 -2.30
CA LEU A 480 -16.77 -3.82 -2.54
C LEU A 480 -17.51 -3.87 -1.24
N TYR A 481 -16.93 -4.47 -0.23
CA TYR A 481 -17.62 -4.52 1.02
C TYR A 481 -17.97 -3.10 1.43
N ASN A 482 -17.01 -2.18 1.35
CA ASN A 482 -17.37 -0.83 1.72
C ASN A 482 -18.36 -0.16 0.78
N GLU A 483 -18.32 -0.49 -0.49
CA GLU A 483 -19.28 0.16 -1.36
C GLU A 483 -20.68 -0.23 -0.98
N VAL A 484 -20.85 -1.45 -0.53
CA VAL A 484 -22.15 -1.85 -0.09
C VAL A 484 -22.49 -1.18 1.22
N ARG A 485 -21.54 -1.10 2.15
CA ARG A 485 -21.83 -0.52 3.45
C ARG A 485 -22.33 0.88 3.31
N ALA A 486 -21.77 1.57 2.36
CA ALA A 486 -22.09 2.95 2.07
C ALA A 486 -23.50 3.17 1.59
N CYS A 487 -24.16 2.17 1.06
CA CYS A 487 -25.46 2.40 0.46
C CYS A 487 -26.61 2.27 1.41
N ARG A 488 -26.61 3.14 2.40
CA ARG A 488 -27.59 3.20 3.47
C ARG A 488 -28.66 4.24 3.16
N GLU A 489 -29.87 4.03 3.65
CA GLU A 489 -30.95 5.00 3.44
C GLU A 489 -31.68 5.24 4.74
N LYS A 490 -32.26 6.42 4.88
CA LYS A 490 -33.06 6.71 6.06
C LYS A 490 -34.45 6.13 5.96
N ASP A 491 -35.01 5.80 7.13
CA ASP A 491 -36.32 5.17 7.30
C ASP A 491 -36.35 3.85 6.56
N ARG A 492 -35.28 3.11 6.70
CA ARG A 492 -35.12 1.80 6.12
C ARG A 492 -34.36 0.98 7.14
N ASP A 493 -34.55 -0.32 7.14
CA ASP A 493 -33.77 -1.15 8.02
C ASP A 493 -32.30 -0.91 7.67
N PRO A 494 -31.43 -0.56 8.61
CA PRO A 494 -30.04 -0.23 8.38
C PRO A 494 -29.21 -1.32 7.77
N GLU A 495 -29.65 -2.56 7.86
CA GLU A 495 -28.86 -3.63 7.27
C GLU A 495 -29.38 -4.04 5.91
N ALA A 496 -30.47 -3.45 5.48
CA ALA A 496 -31.12 -3.87 4.26
C ALA A 496 -30.45 -3.27 3.08
N GLN A 497 -29.29 -3.78 2.82
CA GLN A 497 -28.44 -3.34 1.78
C GLN A 497 -27.53 -4.47 1.52
N PHE A 498 -27.51 -5.37 2.50
CA PHE A 498 -26.73 -6.59 2.38
C PHE A 498 -27.62 -7.73 2.02
N GLU A 499 -28.88 -7.43 1.82
CA GLU A 499 -29.87 -8.44 1.51
C GLU A 499 -30.45 -8.30 0.12
N MET A 500 -29.73 -7.65 -0.77
CA MET A 500 -30.21 -7.49 -2.12
C MET A 500 -29.05 -7.56 -3.07
N PRO A 501 -29.22 -8.10 -4.27
CA PRO A 501 -28.22 -8.22 -5.28
C PRO A 501 -27.91 -6.92 -5.97
N TYR A 502 -26.71 -6.85 -6.51
CA TYR A 502 -26.27 -5.71 -7.31
C TYR A 502 -25.69 -6.12 -8.64
N VAL A 503 -25.83 -5.27 -9.62
CA VAL A 503 -25.20 -5.49 -10.90
C VAL A 503 -23.89 -4.77 -10.85
N VAL A 504 -22.81 -5.45 -11.17
CA VAL A 504 -21.53 -4.79 -11.08
C VAL A 504 -20.45 -5.28 -12.03
N ARG A 505 -19.61 -4.38 -12.47
CA ARG A 505 -18.43 -4.80 -13.19
C ARG A 505 -17.38 -5.05 -12.15
N LEU A 506 -17.10 -6.30 -11.85
CA LEU A 506 -16.15 -6.56 -10.79
C LEU A 506 -14.76 -6.40 -11.35
N HIS A 507 -13.89 -5.68 -10.67
CA HIS A 507 -12.55 -5.50 -11.18
C HIS A 507 -11.51 -5.74 -10.13
N ASN A 508 -11.47 -4.94 -9.10
CA ASN A 508 -10.45 -5.14 -8.11
C ASN A 508 -10.90 -6.17 -7.09
N PHE A 509 -10.75 -7.44 -7.42
CA PHE A 509 -11.22 -8.50 -6.52
C PHE A 509 -10.42 -9.76 -6.72
N HIS A 510 -10.58 -10.69 -5.78
CA HIS A 510 -9.96 -11.99 -5.87
C HIS A 510 -11.01 -13.09 -5.90
N GLN A 511 -10.82 -14.06 -6.79
CA GLN A 511 -11.74 -15.18 -6.89
C GLN A 511 -11.23 -16.33 -6.08
N LEU A 512 -12.08 -16.92 -5.23
CA LEU A 512 -11.61 -17.99 -4.36
C LEU A 512 -11.63 -19.36 -4.99
N SER A 513 -12.55 -19.61 -5.88
CA SER A 513 -12.64 -20.94 -6.45
C SER A 513 -13.34 -20.96 -7.78
N ALA A 514 -13.40 -22.12 -8.38
CA ALA A 514 -14.09 -22.31 -9.64
C ALA A 514 -15.57 -22.12 -9.42
N PRO A 515 -16.33 -21.63 -10.39
CA PRO A 515 -17.76 -21.55 -10.33
C PRO A 515 -18.38 -22.90 -10.43
N GLN A 516 -19.53 -23.05 -9.82
CA GLN A 516 -20.29 -24.26 -9.89
C GLN A 516 -21.72 -23.92 -10.28
N PRO A 517 -22.43 -24.81 -10.97
CA PRO A 517 -23.80 -24.61 -11.38
C PRO A 517 -24.72 -24.59 -10.19
N CYS A 518 -25.76 -23.79 -10.28
CA CYS A 518 -26.74 -23.68 -9.22
C CYS A 518 -28.16 -24.02 -9.61
N PHE A 519 -28.83 -23.14 -10.36
CA PHE A 519 -30.20 -23.46 -10.77
C PHE A 519 -30.32 -23.56 -12.27
N THR A 520 -31.12 -24.52 -12.74
CA THR A 520 -31.34 -24.75 -14.18
C THR A 520 -32.81 -24.90 -14.58
N PHE A 521 -33.17 -24.30 -15.71
CA PHE A 521 -34.51 -24.36 -16.30
C PHE A 521 -34.52 -24.70 -17.78
N SER A 522 -35.63 -25.25 -18.26
CA SER A 522 -35.78 -25.52 -19.68
C SER A 522 -37.21 -25.36 -20.16
N HIS A 523 -37.37 -25.18 -21.46
CA HIS A 523 -38.69 -24.99 -22.05
C HIS A 523 -38.90 -25.73 -23.36
N PRO A 524 -40.13 -26.13 -23.67
CA PRO A 524 -41.36 -26.06 -22.90
C PRO A 524 -41.26 -27.07 -21.81
N ASN A 525 -41.91 -26.82 -20.71
CA ASN A 525 -41.86 -27.79 -19.64
C ASN A 525 -43.15 -28.57 -19.61
N ARG A 526 -43.05 -29.82 -20.04
CA ARG A 526 -44.20 -30.70 -20.17
C ARG A 526 -44.63 -31.40 -18.89
N ASP A 527 -43.89 -31.24 -17.82
CA ASP A 527 -44.25 -31.91 -16.59
C ASP A 527 -45.51 -31.33 -16.00
N PRO A 528 -46.36 -32.12 -15.36
CA PRO A 528 -47.49 -31.65 -14.62
C PRO A 528 -46.90 -31.08 -13.37
N MET A 529 -47.57 -30.14 -12.72
CA MET A 529 -47.09 -29.67 -11.42
C MET A 529 -45.61 -29.36 -11.48
N ILE A 530 -45.25 -28.43 -12.35
CA ILE A 530 -43.86 -28.18 -12.57
C ILE A 530 -43.09 -27.70 -11.37
N ASP A 531 -43.62 -26.68 -10.69
CA ASP A 531 -42.97 -26.08 -9.54
C ASP A 531 -41.73 -25.32 -9.93
N ASN A 532 -41.77 -24.00 -9.86
CA ASN A 532 -40.59 -23.24 -10.23
C ASN A 532 -39.75 -22.87 -9.04
N ASN A 533 -40.06 -23.42 -7.87
CA ASN A 533 -39.28 -23.14 -6.69
C ASN A 533 -38.05 -24.01 -6.71
N ARG A 534 -36.98 -23.53 -6.11
CA ARG A 534 -35.74 -24.29 -6.13
C ARG A 534 -34.94 -24.24 -4.85
N TYR A 535 -34.15 -25.29 -4.65
CA TYR A 535 -33.20 -25.34 -3.54
C TYR A 535 -31.91 -25.97 -3.99
N CYS A 536 -30.79 -25.35 -3.64
CA CYS A 536 -29.51 -25.87 -4.06
C CYS A 536 -28.36 -25.69 -3.09
N THR A 537 -27.58 -26.74 -2.93
CA THR A 537 -26.41 -26.73 -2.07
C THR A 537 -25.13 -26.81 -2.86
N LEU A 538 -24.21 -25.90 -2.58
CA LEU A 538 -22.92 -25.89 -3.25
C LEU A 538 -21.79 -25.94 -2.26
N GLU A 539 -20.66 -26.50 -2.65
CA GLU A 539 -19.50 -26.52 -1.76
C GLU A 539 -18.20 -26.29 -2.53
N PHE A 540 -17.33 -25.43 -2.01
CA PHE A 540 -16.10 -25.10 -2.69
C PHE A 540 -14.87 -25.26 -1.80
N PRO A 541 -13.76 -25.83 -2.28
CA PRO A 541 -12.50 -25.92 -1.55
C PRO A 541 -11.82 -24.60 -1.53
N VAL A 542 -11.05 -24.32 -0.48
CA VAL A 542 -10.24 -23.12 -0.44
C VAL A 542 -8.77 -23.40 -0.20
N GLU A 543 -7.63 -22.84 -1.08
CA GLU A 543 -6.18 -23.07 -1.12
C GLU A 543 -5.40 -21.84 -0.68
N VAL A 544 -6.36 -20.82 -0.04
CA VAL A 544 -5.66 -19.67 0.50
C VAL A 544 -6.29 -19.15 1.79
N ASN A 545 -5.46 -18.69 2.71
CA ASN A 545 -6.05 -18.09 3.89
C ASN A 545 -6.56 -16.70 3.57
N THR A 546 -7.82 -16.62 3.23
CA THR A 546 -8.42 -15.35 2.85
C THR A 546 -9.75 -15.09 3.54
N VAL A 547 -10.37 -13.95 3.20
CA VAL A 547 -11.64 -13.57 3.78
C VAL A 547 -12.75 -13.47 2.76
N LEU A 548 -13.84 -14.16 3.01
CA LEU A 548 -14.97 -14.19 2.11
C LEU A 548 -15.85 -12.97 2.30
N HIS A 549 -16.16 -12.27 1.21
CA HIS A 549 -17.03 -11.12 1.34
C HIS A 549 -18.37 -11.30 0.69
N GLY A 550 -18.46 -12.23 -0.23
CA GLY A 550 -19.71 -12.45 -0.91
C GLY A 550 -19.57 -13.43 -2.03
N PHE A 551 -20.66 -13.65 -2.74
CA PHE A 551 -20.68 -14.55 -3.86
C PHE A 551 -21.04 -13.82 -5.11
N ALA A 552 -20.59 -14.33 -6.24
CA ALA A 552 -20.97 -13.71 -7.47
C ALA A 552 -21.37 -14.76 -8.48
N GLY A 553 -22.28 -14.39 -9.38
CA GLY A 553 -22.68 -15.36 -10.39
C GLY A 553 -22.66 -14.90 -11.84
N TYR A 554 -22.91 -15.90 -12.68
CA TYR A 554 -22.88 -15.81 -14.12
C TYR A 554 -23.92 -16.73 -14.72
N PHE A 555 -24.05 -16.73 -16.03
CA PHE A 555 -24.97 -17.65 -16.67
C PHE A 555 -24.53 -18.09 -18.05
N GLU A 556 -25.18 -19.14 -18.50
CA GLU A 556 -25.01 -19.70 -19.84
C GLU A 556 -26.35 -20.03 -20.42
N THR A 557 -26.43 -19.98 -21.73
CA THR A 557 -27.67 -20.35 -22.41
C THR A 557 -27.50 -21.07 -23.72
N VAL A 558 -28.49 -21.89 -24.01
CA VAL A 558 -28.54 -22.63 -25.25
C VAL A 558 -29.66 -22.12 -26.13
N LEU A 559 -29.29 -21.48 -27.22
CA LEU A 559 -30.27 -20.93 -28.11
C LEU A 559 -30.72 -22.00 -29.03
N TYR A 560 -29.80 -22.87 -29.35
CA TYR A 560 -30.13 -23.98 -30.20
C TYR A 560 -29.10 -25.05 -29.99
N GLN A 561 -29.24 -26.14 -30.69
CA GLN A 561 -28.42 -27.33 -30.51
C GLN A 561 -26.93 -27.08 -30.32
N ASP A 562 -26.34 -26.26 -31.15
CA ASP A 562 -24.93 -25.98 -31.09
C ASP A 562 -24.63 -24.51 -30.93
N ILE A 563 -25.61 -23.74 -30.49
CA ILE A 563 -25.43 -22.31 -30.36
C ILE A 563 -25.66 -21.83 -28.95
N THR A 564 -24.61 -21.25 -28.39
CA THR A 564 -24.68 -20.79 -27.01
C THR A 564 -24.11 -19.42 -26.79
N LEU A 565 -24.54 -18.82 -25.69
CA LEU A 565 -24.00 -17.56 -25.19
C LEU A 565 -23.51 -17.78 -23.79
N SER A 566 -22.46 -17.09 -23.39
CA SER A 566 -21.96 -17.24 -22.04
C SER A 566 -21.24 -16.06 -21.46
N ILE A 567 -21.38 -15.87 -20.16
CA ILE A 567 -20.56 -14.87 -19.52
C ILE A 567 -19.70 -15.47 -18.41
N ARG A 568 -19.54 -16.78 -18.40
CA ARG A 568 -18.66 -17.38 -17.41
C ARG A 568 -17.30 -16.98 -17.85
N PRO A 569 -16.40 -16.52 -17.00
CA PRO A 569 -15.08 -16.09 -17.41
C PRO A 569 -14.36 -17.08 -18.31
N GLU A 570 -14.51 -18.35 -18.02
CA GLU A 570 -13.89 -19.42 -18.80
C GLU A 570 -14.45 -19.69 -20.18
N THR A 571 -15.72 -19.39 -20.42
CA THR A 571 -16.38 -19.68 -21.69
C THR A 571 -17.00 -18.44 -22.23
N HIS A 572 -16.53 -17.31 -21.76
CA HIS A 572 -17.13 -16.04 -22.06
C HIS A 572 -17.17 -15.82 -23.56
N SER A 573 -18.31 -15.36 -24.04
CA SER A 573 -18.51 -15.10 -25.45
C SER A 573 -17.49 -14.11 -25.97
N PRO A 574 -17.00 -14.31 -27.19
CA PRO A 574 -15.94 -13.56 -27.82
C PRO A 574 -16.30 -12.17 -28.26
N GLY A 575 -16.41 -11.29 -27.28
CA GLY A 575 -16.74 -9.90 -27.53
C GLY A 575 -18.13 -9.50 -27.11
N MET A 576 -18.82 -10.35 -26.38
CA MET A 576 -20.15 -9.94 -25.95
C MET A 576 -19.92 -9.01 -24.80
N PHE A 577 -20.61 -7.90 -24.76
CA PHE A 577 -20.34 -6.97 -23.66
C PHE A 577 -21.49 -6.34 -22.93
N SER A 578 -22.70 -6.54 -23.35
CA SER A 578 -23.78 -5.86 -22.66
C SER A 578 -24.07 -6.35 -21.23
N TRP A 579 -23.58 -7.51 -20.88
CA TRP A 579 -23.87 -8.11 -19.59
C TRP A 579 -22.81 -7.91 -18.53
N PHE A 580 -23.25 -7.77 -17.30
CA PHE A 580 -22.33 -7.72 -16.18
C PHE A 580 -22.74 -8.79 -15.17
N PRO A 581 -21.82 -9.31 -14.38
CA PRO A 581 -22.02 -10.24 -13.28
C PRO A 581 -22.88 -9.70 -12.16
N ILE A 582 -23.45 -10.64 -11.41
CA ILE A 582 -24.30 -10.30 -10.28
C ILE A 582 -23.65 -10.58 -8.96
N LEU A 583 -23.71 -9.62 -8.07
CA LEU A 583 -23.14 -9.73 -6.74
C LEU A 583 -24.14 -9.94 -5.62
N PHE A 584 -23.88 -10.93 -4.77
CA PHE A 584 -24.65 -11.29 -3.58
C PHE A 584 -23.80 -11.24 -2.31
N PRO A 585 -23.75 -10.14 -1.60
CA PRO A 585 -22.90 -9.92 -0.45
C PRO A 585 -23.42 -10.66 0.76
N ILE A 586 -22.58 -10.80 1.78
CA ILE A 586 -23.04 -11.33 3.07
C ILE A 586 -22.78 -10.28 4.14
N LYS A 587 -23.50 -10.30 5.24
CA LYS A 587 -23.31 -9.24 6.25
C LYS A 587 -21.96 -9.17 6.94
N GLN A 588 -21.41 -10.30 7.31
CA GLN A 588 -20.14 -10.26 8.01
C GLN A 588 -19.12 -10.98 7.19
N PRO A 589 -17.90 -10.49 7.10
CA PRO A 589 -16.82 -11.18 6.46
C PRO A 589 -16.53 -12.48 7.17
N ILE A 590 -16.16 -13.51 6.43
CA ILE A 590 -15.80 -14.77 7.06
C ILE A 590 -14.38 -15.19 6.80
N THR A 591 -13.65 -15.47 7.85
CA THR A 591 -12.28 -15.90 7.65
C THR A 591 -12.26 -17.37 7.37
N VAL A 592 -11.58 -17.76 6.32
CA VAL A 592 -11.50 -19.15 5.92
C VAL A 592 -10.08 -19.65 5.96
N ARG A 593 -9.88 -20.82 6.51
CA ARG A 593 -8.54 -21.35 6.59
C ARG A 593 -8.27 -22.30 5.46
N GLU A 594 -7.03 -22.34 5.05
CA GLU A 594 -6.66 -23.25 3.99
C GLU A 594 -7.00 -24.66 4.37
N GLY A 595 -7.59 -25.37 3.42
CA GLY A 595 -7.94 -26.77 3.63
C GLY A 595 -9.41 -26.92 3.99
N GLN A 596 -10.07 -25.83 4.31
CA GLN A 596 -11.47 -25.88 4.64
C GLN A 596 -12.24 -25.73 3.37
N THR A 597 -13.55 -25.93 3.46
CA THR A 597 -14.41 -25.71 2.33
C THR A 597 -15.49 -24.75 2.73
N ILE A 598 -16.12 -24.13 1.77
CA ILE A 598 -17.20 -23.22 2.03
C ILE A 598 -18.47 -23.83 1.52
N CYS A 599 -19.45 -23.93 2.40
CA CYS A 599 -20.71 -24.50 2.00
C CYS A 599 -21.79 -23.45 2.07
N VAL A 600 -22.46 -23.27 0.94
CA VAL A 600 -23.47 -22.25 0.79
C VAL A 600 -24.80 -22.80 0.29
N ARG A 601 -25.89 -22.24 0.80
CA ARG A 601 -27.21 -22.66 0.41
C ARG A 601 -28.03 -21.55 -0.20
N PHE A 602 -28.70 -21.86 -1.30
CA PHE A 602 -29.64 -20.96 -1.96
C PHE A 602 -31.04 -21.47 -2.09
N TRP A 603 -31.96 -20.55 -2.00
CA TRP A 603 -33.35 -20.85 -2.23
C TRP A 603 -33.96 -19.86 -3.20
N ARG A 604 -34.88 -20.36 -3.99
CA ARG A 604 -35.69 -19.56 -4.86
C ARG A 604 -37.10 -19.75 -4.40
N CYS A 605 -37.66 -18.72 -3.81
CA CYS A 605 -38.96 -18.78 -3.19
C CYS A 605 -39.98 -17.93 -3.88
N SER A 606 -41.23 -18.32 -3.79
CA SER A 606 -42.26 -17.52 -4.42
C SER A 606 -43.62 -17.68 -3.79
N ASN A 607 -44.49 -16.75 -4.14
CA ASN A 607 -45.87 -16.77 -3.77
C ASN A 607 -46.66 -16.19 -4.92
N SER A 608 -47.93 -15.94 -4.73
CA SER A 608 -48.78 -15.47 -5.81
C SER A 608 -48.49 -14.07 -6.32
N LYS A 609 -47.73 -13.29 -5.58
CA LYS A 609 -47.43 -11.92 -6.01
C LYS A 609 -45.95 -11.61 -6.25
N LYS A 610 -45.09 -12.29 -5.51
CA LYS A 610 -43.66 -12.02 -5.50
C LYS A 610 -42.73 -13.21 -5.64
N VAL A 611 -41.54 -12.93 -6.13
CA VAL A 611 -40.45 -13.89 -6.18
C VAL A 611 -39.21 -13.32 -5.51
N TRP A 612 -38.53 -14.12 -4.71
CA TRP A 612 -37.34 -13.62 -4.05
C TRP A 612 -36.33 -14.71 -3.77
N TYR A 613 -35.08 -14.30 -3.53
CA TYR A 613 -34.06 -15.26 -3.20
C TYR A 613 -33.66 -15.16 -1.77
N GLU A 614 -33.25 -16.29 -1.21
CA GLU A 614 -32.72 -16.30 0.15
C GLU A 614 -31.39 -17.02 0.13
N TRP A 615 -30.46 -16.59 0.97
CA TRP A 615 -29.20 -17.32 0.98
C TRP A 615 -28.43 -17.29 2.28
N ALA A 616 -27.60 -18.32 2.49
CA ALA A 616 -26.73 -18.36 3.67
C ALA A 616 -25.51 -19.25 3.57
N VAL A 617 -24.53 -18.92 4.38
CA VAL A 617 -23.33 -19.74 4.54
C VAL A 617 -23.49 -20.62 5.75
N THR A 618 -23.21 -21.92 5.59
CA THR A 618 -23.35 -22.87 6.69
C THR A 618 -22.00 -23.34 7.19
N ALA A 619 -20.99 -23.24 6.35
CA ALA A 619 -19.67 -23.68 6.75
C ALA A 619 -18.60 -22.84 6.05
N PRO A 620 -17.41 -22.66 6.66
CA PRO A 620 -16.87 -23.14 7.93
C PRO A 620 -17.56 -22.62 9.16
N VAL A 621 -18.27 -21.52 9.03
CA VAL A 621 -18.99 -20.96 10.15
C VAL A 621 -20.38 -20.71 9.65
N CYS A 622 -21.32 -20.52 10.54
CA CYS A 622 -22.65 -20.22 10.07
C CYS A 622 -22.90 -18.73 10.04
N SER A 623 -23.79 -18.33 9.15
CA SER A 623 -24.23 -16.96 8.98
C SER A 623 -25.74 -16.89 9.01
N ALA A 624 -26.25 -15.68 9.09
CA ALA A 624 -27.69 -15.44 9.11
C ALA A 624 -28.31 -15.61 7.76
N ILE A 625 -29.61 -15.87 7.73
CA ILE A 625 -30.27 -15.93 6.45
C ILE A 625 -30.40 -14.54 5.91
N HIS A 626 -30.02 -14.36 4.66
CA HIS A 626 -30.14 -13.07 4.07
C HIS A 626 -31.43 -13.04 3.28
N ASN A 627 -32.14 -11.94 3.46
CA ASN A 627 -33.40 -11.59 2.82
C ASN A 627 -34.54 -12.55 3.01
N PRO A 628 -34.85 -13.00 4.20
CA PRO A 628 -35.90 -13.92 4.42
C PRO A 628 -37.17 -13.24 4.02
N THR A 629 -38.05 -14.02 3.40
CA THR A 629 -39.40 -13.64 2.96
C THR A 629 -39.42 -12.59 1.90
N GLY A 630 -38.26 -12.12 1.48
CA GLY A 630 -38.24 -11.03 0.55
C GLY A 630 -38.42 -9.72 1.28
N ARG A 631 -38.10 -9.66 2.55
CA ARG A 631 -38.32 -8.41 3.25
C ARG A 631 -37.47 -7.25 2.74
N SER A 632 -36.28 -7.51 2.21
CA SER A 632 -35.44 -6.43 1.76
C SER A 632 -35.45 -6.30 0.27
N TYR A 633 -35.68 -7.40 -0.41
CA TYR A 633 -35.66 -7.40 -1.85
C TYR A 633 -36.58 -8.37 -2.48
N THR A 634 -37.36 -7.86 -3.41
CA THR A 634 -38.30 -8.67 -4.14
C THR A 634 -38.27 -8.37 -5.61
N ILE A 635 -38.76 -9.33 -6.37
CA ILE A 635 -38.98 -9.18 -7.78
C ILE A 635 -40.48 -9.22 -7.95
N GLY A 636 -41.05 -8.18 -8.53
CA GLY A 636 -42.51 -8.21 -8.64
C GLY A 636 -42.97 -9.02 -9.85
N LEU A 637 -44.14 -9.71 -9.76
CA LEU A 637 -44.76 -10.45 -10.88
C LEU A 637 -45.58 -9.52 -11.79
N PRO B 1 35.36 35.89 8.31
CA PRO B 1 36.63 35.63 7.67
C PRO B 1 36.48 34.37 6.78
N ASN B 2 35.95 34.56 5.55
CA ASN B 2 35.67 33.49 4.55
C ASN B 2 34.77 32.41 5.15
N ALA B 3 33.79 32.87 5.91
CA ALA B 3 32.87 32.03 6.64
C ALA B 3 31.53 32.75 6.61
N PRO B 4 30.40 32.07 6.80
CA PRO B 4 29.09 32.65 6.79
C PRO B 4 28.92 33.58 7.96
N ALA B 5 28.04 34.55 7.78
CA ALA B 5 27.72 35.53 8.80
C ALA B 5 27.08 34.94 10.04
N CYS B 6 26.29 33.89 9.90
CA CYS B 6 25.64 33.36 11.07
C CYS B 6 25.73 31.85 11.19
N MET B 7 25.97 31.41 12.42
CA MET B 7 25.98 30.01 12.79
C MET B 7 24.54 29.59 13.03
N GLU B 8 24.23 28.36 12.67
CA GLU B 8 22.90 27.80 12.86
C GLU B 8 22.59 27.64 14.34
N ARG B 9 21.31 27.63 14.68
CA ARG B 9 20.89 27.52 16.06
C ARG B 9 21.22 26.24 16.80
N GLN B 10 21.14 25.06 16.19
CA GLN B 10 21.42 23.90 17.01
C GLN B 10 22.84 23.41 16.85
N LEU B 11 23.52 23.19 17.96
CA LEU B 11 24.87 22.69 17.87
C LEU B 11 24.78 21.23 18.13
N GLU B 12 25.30 20.41 17.21
CA GLU B 12 25.15 18.97 17.39
C GLU B 12 26.41 18.17 17.66
N ALA B 13 27.59 18.75 17.54
CA ALA B 13 28.77 17.94 17.77
C ALA B 13 29.96 18.75 18.20
N ALA B 14 30.88 18.12 18.93
CA ALA B 14 32.12 18.81 19.26
C ALA B 14 33.23 17.83 19.58
N ARG B 15 34.41 18.06 19.01
CA ARG B 15 35.56 17.20 19.31
C ARG B 15 36.88 17.97 19.36
N TYR B 16 37.80 17.53 20.21
CA TYR B 16 39.14 18.14 20.29
C TYR B 16 40.24 17.38 19.60
N ARG B 17 41.23 18.12 19.13
CA ARG B 17 42.47 17.53 18.65
C ARG B 17 43.51 17.70 19.72
N SER B 18 44.63 17.01 19.57
CA SER B 18 45.71 16.99 20.56
C SER B 18 46.36 18.35 20.82
N ASP B 19 46.18 19.31 19.91
CA ASP B 19 46.74 20.63 20.11
C ASP B 19 45.79 21.56 20.87
N GLY B 20 44.64 21.02 21.28
CA GLY B 20 43.64 21.75 22.04
C GLY B 20 42.59 22.47 21.19
N ALA B 21 42.71 22.40 19.88
CA ALA B 21 41.74 23.07 19.01
C ALA B 21 40.44 22.29 18.97
N LEU B 22 39.32 22.99 18.78
CA LEU B 22 38.09 22.23 18.65
C LEU B 22 37.30 22.47 17.39
N LEU B 23 36.62 21.42 17.00
CA LEU B 23 35.71 21.40 15.89
C LEU B 23 34.28 21.28 16.31
N LEU B 24 33.44 22.19 15.84
CA LEU B 24 32.01 22.12 16.12
C LEU B 24 31.21 21.78 14.90
N GLY B 25 30.13 21.06 15.12
CA GLY B 25 29.18 20.82 14.05
C GLY B 25 27.88 21.51 14.40
N ALA B 26 27.20 22.07 13.38
CA ALA B 26 25.93 22.78 13.62
C ALA B 26 24.97 22.63 12.46
N SER B 27 23.69 22.77 12.77
CA SER B 27 22.64 22.67 11.77
C SER B 27 21.38 23.44 12.11
N SER B 28 20.61 23.79 11.10
CA SER B 28 19.32 24.37 11.35
C SER B 28 18.27 23.30 11.26
N LEU B 29 17.61 23.01 12.36
CA LEU B 29 16.63 21.94 12.33
C LEU B 29 15.21 22.46 12.23
N SER B 30 15.09 23.76 12.19
CA SER B 30 13.81 24.43 12.07
C SER B 30 14.01 25.75 11.40
N GLY B 31 13.06 26.15 10.58
CA GLY B 31 13.13 27.41 9.88
C GLY B 31 13.10 27.18 8.39
N ARG B 32 13.35 28.21 7.63
CA ARG B 32 13.23 28.11 6.18
C ARG B 32 14.30 27.25 5.50
N CYS B 33 15.55 27.34 5.94
CA CYS B 33 16.62 26.60 5.26
C CYS B 33 17.19 25.49 6.13
N TRP B 34 17.11 24.25 5.65
CA TRP B 34 17.55 23.08 6.45
C TRP B 34 18.90 22.54 6.04
N ALA B 35 19.97 23.16 6.49
CA ALA B 35 21.32 22.75 6.14
C ALA B 35 22.23 23.19 7.26
N GLY B 36 23.45 22.65 7.33
CA GLY B 36 24.36 23.07 8.39
C GLY B 36 25.69 23.66 7.97
N SER B 37 26.66 23.53 8.89
CA SER B 37 28.00 24.07 8.78
C SER B 37 29.04 23.36 9.64
N LEU B 38 30.30 23.64 9.32
CA LEU B 38 31.46 23.14 10.06
C LEU B 38 32.30 24.31 10.56
N TRP B 39 32.65 24.32 11.86
CA TRP B 39 33.46 25.44 12.38
C TRP B 39 34.69 25.03 13.19
N LEU B 40 35.76 25.79 13.04
CA LEU B 40 36.98 25.56 13.79
C LEU B 40 37.39 26.72 14.68
N PHE B 41 37.64 26.43 15.95
CA PHE B 41 38.11 27.40 16.91
C PHE B 41 39.45 27.00 17.52
N LYS B 42 40.35 27.97 17.70
CA LYS B 42 41.63 27.71 18.35
C LYS B 42 41.66 28.33 19.73
N ASP B 43 40.53 28.86 20.12
CA ASP B 43 40.34 29.48 21.41
C ASP B 43 39.02 28.96 21.90
N PRO B 44 39.00 27.84 22.61
CA PRO B 44 37.81 27.16 23.06
C PRO B 44 36.82 28.03 23.79
N CYS B 45 37.29 29.02 24.51
CA CYS B 45 36.39 29.84 25.27
C CYS B 45 35.70 30.90 24.44
N ALA B 46 36.09 31.02 23.19
CA ALA B 46 35.49 32.00 22.32
C ALA B 46 34.26 31.42 21.64
N ALA B 47 34.09 30.11 21.71
CA ALA B 47 32.99 29.49 21.04
C ALA B 47 31.72 29.84 21.78
N PRO B 48 30.59 29.91 21.09
CA PRO B 48 30.31 29.79 19.68
C PRO B 48 30.28 31.12 18.98
N ASN B 49 31.18 32.05 19.29
CA ASN B 49 31.09 33.36 18.66
C ASN B 49 31.82 33.38 17.34
N GLU B 50 31.07 33.53 16.25
CA GLU B 50 31.60 33.43 14.89
C GLU B 50 32.73 34.38 14.65
N GLY B 51 32.73 35.49 15.34
CA GLY B 51 33.71 36.53 15.13
C GLY B 51 35.10 36.10 15.52
N PHE B 52 35.20 35.04 16.28
CA PHE B 52 36.48 34.56 16.73
C PHE B 52 36.81 33.20 16.21
N CYS B 53 36.14 32.78 15.17
CA CYS B 53 36.43 31.49 14.59
C CYS B 53 37.69 31.60 13.78
N SER B 54 38.39 30.49 13.60
CA SER B 54 39.55 30.48 12.74
C SER B 54 39.15 30.13 11.34
N ALA B 55 38.12 29.30 11.25
CA ALA B 55 37.66 28.83 9.95
C ALA B 55 36.24 28.32 10.03
N GLY B 56 35.61 28.22 8.88
CA GLY B 56 34.31 27.56 8.80
C GLY B 56 33.71 27.67 7.43
N VAL B 57 32.89 26.67 7.09
CA VAL B 57 32.20 26.59 5.82
C VAL B 57 30.77 26.17 5.97
N GLN B 58 29.95 26.46 4.98
CA GLN B 58 28.60 25.96 4.99
C GLN B 58 28.56 24.66 4.26
N THR B 59 27.55 23.85 4.55
CA THR B 59 27.35 22.60 3.84
C THR B 59 26.00 22.62 3.14
N GLU B 60 25.80 21.69 2.23
CA GLU B 60 24.57 21.60 1.44
C GLU B 60 23.42 20.90 2.12
N ALA B 61 23.67 20.33 3.27
CA ALA B 61 22.69 19.55 3.98
C ALA B 61 23.03 19.55 5.44
N GLY B 62 22.14 19.07 6.27
CA GLY B 62 22.43 19.02 7.68
C GLY B 62 23.53 18.00 7.99
N VAL B 63 24.12 18.14 9.17
CA VAL B 63 25.20 17.31 9.64
C VAL B 63 24.74 16.42 10.74
N ALA B 64 24.82 15.11 10.54
CA ALA B 64 24.36 14.18 11.56
C ALA B 64 25.48 13.91 12.56
N ASP B 65 26.69 13.87 12.03
CA ASP B 65 27.90 13.59 12.83
C ASP B 65 29.14 14.02 12.10
N LEU B 66 30.28 13.94 12.76
CA LEU B 66 31.56 14.19 12.15
C LEU B 66 32.72 13.80 13.04
N THR B 67 33.80 13.30 12.45
CA THR B 67 34.98 12.97 13.23
C THR B 67 36.28 13.40 12.59
N TRP B 68 37.35 13.32 13.38
CA TRP B 68 38.68 13.66 12.88
C TRP B 68 39.36 12.51 12.20
N VAL B 69 40.02 12.80 11.09
CA VAL B 69 40.82 11.84 10.38
C VAL B 69 42.26 12.33 10.35
N GLY B 70 43.10 11.70 11.15
CA GLY B 70 44.45 12.20 11.28
C GLY B 70 44.33 13.60 11.88
N GLU B 71 45.05 14.57 11.31
CA GLU B 71 45.01 15.93 11.83
C GLU B 71 44.23 16.89 10.95
N ARG B 72 44.15 16.58 9.65
CA ARG B 72 43.53 17.50 8.73
C ARG B 72 42.19 17.10 8.16
N GLY B 73 41.83 15.82 8.21
CA GLY B 73 40.60 15.48 7.56
C GLY B 73 39.40 15.55 8.47
N ILE B 74 38.29 15.93 7.89
CA ILE B 74 37.05 15.92 8.60
C ILE B 74 36.07 15.03 7.86
N LEU B 75 35.65 13.98 8.52
CA LEU B 75 34.75 13.02 7.92
C LEU B 75 33.35 13.29 8.37
N VAL B 76 32.46 13.53 7.43
CA VAL B 76 31.10 13.93 7.77
C VAL B 76 29.97 13.02 7.32
N ALA B 77 29.07 12.77 8.28
CA ALA B 77 27.85 12.00 8.06
C ALA B 77 26.74 12.96 7.72
N SER B 78 26.28 12.93 6.47
CA SER B 78 25.26 13.88 6.02
C SER B 78 23.83 13.34 5.94
N ASP B 79 22.89 14.26 6.08
CA ASP B 79 21.46 13.98 5.95
C ASP B 79 21.08 13.59 4.56
N SER B 80 21.91 13.97 3.61
CA SER B 80 21.67 13.72 2.21
C SER B 80 21.87 12.28 1.83
N GLY B 81 22.47 11.48 2.71
CA GLY B 81 22.77 10.09 2.41
C GLY B 81 24.20 9.99 1.98
N ALA B 82 24.83 11.14 1.92
CA ALA B 82 26.20 11.26 1.55
C ALA B 82 27.16 11.00 2.67
N VAL B 83 28.32 10.59 2.22
CA VAL B 83 29.51 10.44 2.99
C VAL B 83 30.46 11.39 2.33
N GLU B 84 31.01 12.31 3.09
CA GLU B 84 31.86 13.28 2.46
C GLU B 84 33.10 13.60 3.26
N LEU B 85 34.13 14.05 2.56
CA LEU B 85 35.38 14.40 3.20
C LEU B 85 35.82 15.79 2.90
N TRP B 86 36.17 16.49 3.96
CA TRP B 86 36.72 17.84 3.92
C TRP B 86 38.15 17.84 4.43
N GLU B 87 38.97 18.77 3.98
CA GLU B 87 40.34 18.85 4.49
C GLU B 87 40.82 20.26 4.81
N LEU B 88 41.49 20.41 5.94
CA LEU B 88 42.06 21.72 6.29
C LEU B 88 43.26 22.03 5.44
N ASP B 89 43.33 23.27 4.97
CA ASP B 89 44.48 23.68 4.17
C ASP B 89 45.70 24.03 5.02
N GLU B 90 46.76 24.45 4.36
CA GLU B 90 48.04 24.69 5.00
C GLU B 90 48.00 25.78 6.06
N ASN B 91 47.17 26.76 5.83
CA ASN B 91 47.03 27.88 6.74
C ASN B 91 45.89 27.72 7.71
N GLU B 92 45.23 26.55 7.73
CA GLU B 92 44.11 26.30 8.62
C GLU B 92 43.12 27.45 8.55
N THR B 93 42.83 27.86 7.35
CA THR B 93 41.94 28.98 7.08
C THR B 93 40.72 28.53 6.31
N LEU B 94 40.92 27.82 5.21
CA LEU B 94 39.80 27.34 4.46
C LEU B 94 39.64 25.84 4.63
N ILE B 95 38.41 25.39 4.50
CA ILE B 95 38.13 23.98 4.58
C ILE B 95 37.78 23.55 3.16
N VAL B 96 38.52 22.62 2.61
CA VAL B 96 38.40 22.19 1.24
C VAL B 96 37.63 20.91 1.04
N SER B 97 36.69 20.89 0.12
CA SER B 97 35.99 19.64 -0.13
C SER B 97 36.89 18.72 -0.92
N LYS B 98 36.99 17.46 -0.52
CA LYS B 98 37.82 16.50 -1.23
C LYS B 98 36.96 15.57 -2.06
N PHE B 99 35.87 15.12 -1.48
CA PHE B 99 34.97 14.27 -2.23
C PHE B 99 33.60 14.21 -1.61
N CYS B 100 32.66 13.73 -2.40
CA CYS B 100 31.33 13.45 -1.92
C CYS B 100 30.71 12.30 -2.70
N LYS B 101 30.30 11.27 -1.97
CA LYS B 101 29.69 10.11 -2.57
C LYS B 101 28.32 9.91 -1.96
N TYR B 102 27.42 9.28 -2.67
CA TYR B 102 26.09 9.04 -2.15
C TYR B 102 25.78 7.58 -2.09
N GLU B 103 26.21 6.94 -1.04
CA GLU B 103 26.08 5.51 -0.96
C GLU B 103 24.94 5.02 -0.10
N HIS B 104 24.28 5.89 0.64
CA HIS B 104 23.20 5.39 1.44
C HIS B 104 21.90 5.84 0.86
N ASP B 105 20.87 5.07 1.09
CA ASP B 105 19.56 5.41 0.58
C ASP B 105 18.73 6.23 1.55
N ASP B 106 19.35 6.60 2.65
CA ASP B 106 18.71 7.38 3.69
C ASP B 106 19.77 8.12 4.49
N ILE B 107 19.35 8.87 5.49
CA ILE B 107 20.23 9.65 6.32
C ILE B 107 21.30 8.84 6.97
N VAL B 108 22.54 9.34 6.89
CA VAL B 108 23.64 8.63 7.50
C VAL B 108 23.57 9.03 8.93
N SER B 109 23.47 8.08 9.83
CA SER B 109 23.29 8.43 11.20
C SER B 109 24.54 8.42 12.02
N THR B 110 25.50 7.60 11.65
CA THR B 110 26.73 7.52 12.42
C THR B 110 27.93 7.41 11.51
N VAL B 111 29.08 7.84 12.01
CA VAL B 111 30.32 7.57 11.30
C VAL B 111 31.48 7.44 12.26
N SER B 112 32.41 6.58 11.94
CA SER B 112 33.61 6.43 12.77
C SER B 112 34.77 5.92 11.96
N VAL B 113 35.96 6.01 12.52
CA VAL B 113 37.14 5.51 11.83
C VAL B 113 37.85 4.48 12.63
N LEU B 114 38.67 3.71 11.96
CA LEU B 114 39.37 2.62 12.59
C LEU B 114 40.82 2.96 12.84
N SER B 115 41.43 2.17 13.71
CA SER B 115 42.80 2.37 14.17
C SER B 115 43.87 2.31 13.09
N SER B 116 43.57 1.75 11.92
CA SER B 116 44.55 1.70 10.85
C SER B 116 44.75 3.06 10.22
N GLY B 117 43.78 3.95 10.38
CA GLY B 117 43.83 5.27 9.81
C GLY B 117 43.34 5.36 8.36
N THR B 118 43.02 4.23 7.73
CA THR B 118 42.59 4.24 6.33
C THR B 118 41.19 3.69 6.15
N GLN B 119 40.64 3.12 7.20
CA GLN B 119 39.35 2.51 7.10
C GLN B 119 38.32 3.28 7.88
N ALA B 120 37.08 3.17 7.45
CA ALA B 120 35.97 3.80 8.16
C ALA B 120 34.68 3.07 7.96
N VAL B 121 33.77 3.28 8.88
CA VAL B 121 32.45 2.70 8.75
C VAL B 121 31.36 3.70 8.93
N SER B 122 30.21 3.35 8.41
CA SER B 122 29.03 4.18 8.56
C SER B 122 27.78 3.37 8.74
N GLY B 123 26.79 4.01 9.34
CA GLY B 123 25.49 3.41 9.52
C GLY B 123 24.42 4.40 9.12
N SER B 124 23.24 3.92 8.83
CA SER B 124 22.14 4.76 8.40
C SER B 124 20.81 4.31 8.90
N LYS B 125 19.80 5.14 8.65
CA LYS B 125 18.45 4.74 9.01
C LYS B 125 18.08 3.56 8.13
N ASP B 126 18.59 3.55 6.91
CA ASP B 126 18.45 2.40 6.06
C ASP B 126 19.21 1.37 6.81
N ILE B 127 18.69 0.17 6.90
CA ILE B 127 19.32 -0.85 7.70
C ILE B 127 20.75 -1.27 7.29
N CYS B 128 21.19 -0.94 6.08
CA CYS B 128 22.52 -1.31 5.61
C CYS B 128 23.73 -0.63 6.27
N ILE B 129 24.75 -1.42 6.61
CA ILE B 129 26.03 -0.93 7.16
C ILE B 129 27.14 -1.04 6.15
N LYS B 130 27.91 0.02 5.99
CA LYS B 130 28.97 -0.01 4.99
C LYS B 130 30.37 0.25 5.51
N VAL B 131 31.32 -0.34 4.80
CA VAL B 131 32.74 -0.19 5.08
C VAL B 131 33.44 0.53 3.95
N TRP B 132 34.09 1.63 4.32
CA TRP B 132 34.78 2.54 3.44
C TRP B 132 36.29 2.53 3.43
N ASP B 133 36.83 2.77 2.24
CA ASP B 133 38.25 3.00 2.00
C ASP B 133 38.48 4.50 1.88
N LEU B 134 39.13 5.07 2.88
CA LEU B 134 39.31 6.50 2.98
C LEU B 134 40.34 7.03 1.99
N ALA B 135 41.17 6.16 1.45
CA ALA B 135 42.20 6.60 0.53
C ALA B 135 41.69 6.55 -0.89
N GLN B 136 40.91 5.52 -1.20
CA GLN B 136 40.45 5.33 -2.56
C GLN B 136 39.08 5.91 -2.83
N GLN B 137 38.40 6.38 -1.78
CA GLN B 137 37.08 6.96 -1.89
C GLN B 137 36.07 5.97 -2.43
N VAL B 138 36.16 4.74 -1.94
CA VAL B 138 35.24 3.69 -2.37
C VAL B 138 34.65 2.89 -1.24
N VAL B 139 33.57 2.21 -1.54
CA VAL B 139 33.00 1.27 -0.61
C VAL B 139 33.64 -0.07 -0.87
N LEU B 140 34.10 -0.71 0.19
CA LEU B 140 34.75 -1.99 0.08
C LEU B 140 33.75 -3.10 0.24
N SER B 141 32.83 -2.89 1.16
CA SER B 141 31.83 -3.92 1.41
C SER B 141 30.61 -3.36 2.08
N SER B 142 29.56 -4.16 2.10
CA SER B 142 28.33 -3.80 2.77
C SER B 142 27.71 -5.03 3.38
N TYR B 143 27.00 -4.83 4.48
CA TYR B 143 26.36 -5.92 5.20
C TYR B 143 24.94 -5.57 5.61
N ARG B 144 24.07 -6.57 5.73
CA ARG B 144 22.73 -6.32 6.19
C ARG B 144 22.36 -7.22 7.36
N ALA B 145 23.06 -7.02 8.49
CA ALA B 145 22.86 -7.87 9.66
C ALA B 145 21.66 -7.44 10.47
N HIS B 146 21.34 -6.18 10.41
CA HIS B 146 20.26 -5.65 11.20
C HIS B 146 19.03 -5.52 10.39
N ALA B 147 17.89 -5.51 11.07
CA ALA B 147 16.62 -5.30 10.40
C ALA B 147 15.94 -4.08 10.98
N ALA B 148 16.74 -3.11 11.37
CA ALA B 148 16.24 -1.90 12.00
C ALA B 148 17.19 -0.74 11.81
N GLN B 149 16.71 0.46 12.07
CA GLN B 149 17.55 1.63 11.94
C GLN B 149 18.77 1.43 12.77
N VAL B 150 19.93 1.74 12.21
CA VAL B 150 21.17 1.58 12.92
C VAL B 150 21.31 2.76 13.83
N THR B 151 21.63 2.53 15.10
CA THR B 151 21.72 3.68 15.98
C THR B 151 23.13 4.01 16.40
N CYS B 152 24.02 3.04 16.38
CA CYS B 152 25.35 3.34 16.84
C CYS B 152 26.39 2.39 16.33
N VAL B 153 27.55 2.93 15.97
CA VAL B 153 28.66 2.07 15.60
C VAL B 153 29.85 2.59 16.36
N ALA B 154 30.84 1.76 16.56
CA ALA B 154 32.07 2.23 17.20
C ALA B 154 33.25 1.38 16.78
N ALA B 155 34.40 2.00 16.59
CA ALA B 155 35.58 1.23 16.22
C ALA B 155 36.39 0.89 17.43
N SER B 156 36.98 -0.28 17.44
CA SER B 156 37.85 -0.65 18.51
C SER B 156 39.15 0.11 18.40
N PRO B 157 39.69 0.65 19.48
CA PRO B 157 40.96 1.31 19.49
C PRO B 157 42.14 0.36 19.34
N HIS B 158 41.91 -0.93 19.53
CA HIS B 158 43.02 -1.87 19.52
C HIS B 158 43.13 -2.76 18.29
N LYS B 159 42.06 -2.92 17.53
CA LYS B 159 42.10 -3.85 16.40
C LYS B 159 41.47 -3.21 15.19
N ASP B 160 42.15 -3.27 14.06
CA ASP B 160 41.69 -2.60 12.86
C ASP B 160 40.70 -3.37 12.02
N SER B 161 40.29 -4.52 12.51
CA SER B 161 39.30 -5.33 11.87
C SER B 161 38.07 -5.35 12.73
N VAL B 162 38.08 -4.61 13.83
CA VAL B 162 36.99 -4.74 14.78
C VAL B 162 36.16 -3.53 15.08
N PHE B 163 34.85 -3.76 15.10
CA PHE B 163 33.89 -2.72 15.46
C PHE B 163 32.62 -3.29 16.10
N LEU B 164 31.87 -2.43 16.75
CA LEU B 164 30.59 -2.78 17.35
C LEU B 164 29.45 -2.09 16.65
N SER B 165 28.27 -2.69 16.70
CA SER B 165 27.08 -2.02 16.20
C SER B 165 25.80 -2.43 16.91
N CYS B 166 24.83 -1.53 16.88
CA CYS B 166 23.53 -1.87 17.37
C CYS B 166 22.47 -1.11 16.62
N SER B 167 21.25 -1.61 16.71
CA SER B 167 20.10 -1.03 16.04
C SER B 167 18.83 -1.30 16.81
N GLU B 168 17.74 -0.73 16.34
CA GLU B 168 16.47 -0.91 17.04
C GLU B 168 15.80 -2.23 16.74
N ASP B 169 16.47 -3.33 17.06
CA ASP B 169 15.99 -4.66 16.89
C ASP B 169 16.44 -5.41 18.10
N ASN B 170 17.04 -4.66 18.98
CA ASN B 170 17.58 -5.17 20.23
C ASN B 170 18.65 -6.22 20.05
N ARG B 171 19.48 -6.06 19.05
CA ARG B 171 20.57 -6.99 18.83
C ARG B 171 21.89 -6.23 18.89
N ILE B 172 22.88 -6.77 19.55
CA ILE B 172 24.19 -6.11 19.56
C ILE B 172 25.22 -6.99 18.91
N LEU B 173 25.90 -6.45 17.92
CA LEU B 173 26.88 -7.24 17.21
C LEU B 173 28.30 -6.78 17.35
N LEU B 174 29.17 -7.76 17.35
CA LEU B 174 30.58 -7.58 17.29
C LEU B 174 31.06 -8.02 15.94
N TRP B 175 31.83 -7.18 15.29
CA TRP B 175 32.30 -7.48 13.97
C TRP B 175 33.79 -7.73 13.89
N ASP B 176 34.16 -8.65 13.01
CA ASP B 176 35.53 -8.99 12.66
C ASP B 176 35.61 -9.18 11.16
N THR B 177 36.26 -8.24 10.48
CA THR B 177 36.24 -8.24 9.02
C THR B 177 37.02 -9.36 8.38
N ARG B 178 37.77 -10.12 9.17
CA ARG B 178 38.52 -11.24 8.65
C ARG B 178 37.77 -12.58 8.67
N CYS B 179 36.56 -12.61 9.22
CA CYS B 179 35.83 -13.86 9.30
C CYS B 179 34.88 -14.06 8.13
N PRO B 180 34.53 -15.32 7.76
CA PRO B 180 33.55 -15.67 6.72
C PRO B 180 32.14 -15.25 7.10
N LYS B 181 31.94 -15.08 8.39
CA LYS B 181 30.71 -14.62 9.00
C LYS B 181 31.15 -13.56 9.95
N PRO B 182 31.37 -12.32 9.47
CA PRO B 182 31.93 -11.23 10.19
C PRO B 182 31.22 -10.83 11.45
N ALA B 183 29.95 -11.15 11.61
CA ALA B 183 29.28 -10.73 12.82
C ALA B 183 29.10 -11.86 13.83
N SER B 184 29.08 -11.48 15.08
CA SER B 184 28.79 -12.38 16.18
C SER B 184 27.91 -11.66 17.18
N GLN B 185 26.86 -12.32 17.61
CA GLN B 185 25.97 -11.69 18.54
C GLN B 185 26.42 -11.82 19.95
N ILE B 186 26.50 -10.67 20.63
CA ILE B 186 26.94 -10.57 22.01
C ILE B 186 25.95 -11.17 22.95
N GLY B 187 24.70 -10.90 22.70
CA GLY B 187 23.66 -11.35 23.58
C GLY B 187 23.58 -10.36 24.70
N CYS B 188 22.83 -10.67 25.73
CA CYS B 188 22.66 -9.72 26.81
C CYS B 188 22.16 -10.40 28.06
N SER B 189 22.74 -10.02 29.19
CA SER B 189 22.35 -10.58 30.49
C SER B 189 21.16 -9.84 31.08
N ALA B 190 20.78 -8.76 30.42
CA ALA B 190 19.67 -7.92 30.84
C ALA B 190 18.89 -7.40 29.63
N PRO B 191 18.28 -8.28 28.81
CA PRO B 191 17.54 -7.98 27.59
C PRO B 191 16.18 -7.38 27.91
N GLY B 192 15.57 -6.77 26.91
CA GLY B 192 14.20 -6.27 27.04
C GLY B 192 14.05 -4.82 26.65
N TYR B 193 15.14 -4.07 26.71
CA TYR B 193 15.11 -2.67 26.33
C TYR B 193 16.11 -2.40 25.26
N LEU B 194 15.83 -1.45 24.36
CA LEU B 194 16.72 -1.16 23.21
C LEU B 194 17.94 -0.35 23.66
N PRO B 195 19.17 -0.74 23.27
CA PRO B 195 20.37 0.05 23.60
C PRO B 195 20.37 1.35 22.77
N THR B 196 21.01 2.41 23.26
CA THR B 196 21.01 3.74 22.59
C THR B 196 22.43 4.12 22.14
N SER B 197 23.48 3.68 22.85
CA SER B 197 24.84 4.10 22.52
C SER B 197 25.88 3.06 22.92
N LEU B 198 27.02 3.10 22.22
CA LEU B 198 28.13 2.18 22.47
C LEU B 198 29.46 2.92 22.61
N ALA B 199 30.34 2.41 23.47
CA ALA B 199 31.71 2.94 23.52
C ALA B 199 32.68 1.86 23.99
N TRP B 200 33.89 1.88 23.47
CA TRP B 200 34.92 0.94 23.89
C TRP B 200 35.71 1.43 25.06
N HIS B 201 36.10 0.53 25.96
CA HIS B 201 36.96 0.91 27.04
C HIS B 201 38.30 1.28 26.43
N PRO B 202 38.97 2.36 26.84
CA PRO B 202 40.24 2.80 26.31
C PRO B 202 41.45 1.93 26.59
N GLN B 203 41.40 1.06 27.59
CA GLN B 203 42.58 0.28 27.90
C GLN B 203 42.37 -1.21 27.71
N GLN B 204 41.18 -1.67 28.04
CA GLN B 204 40.91 -3.09 27.97
C GLN B 204 40.22 -3.42 26.67
N SER B 205 40.91 -4.17 25.83
CA SER B 205 40.48 -4.50 24.47
C SER B 205 39.27 -5.39 24.39
N GLU B 206 38.92 -6.00 25.50
CA GLU B 206 37.77 -6.87 25.56
C GLU B 206 36.64 -6.30 26.41
N VAL B 207 36.70 -5.01 26.71
CA VAL B 207 35.67 -4.39 27.53
C VAL B 207 34.98 -3.22 26.87
N PHE B 208 33.68 -3.16 27.03
CA PHE B 208 32.95 -2.04 26.46
C PHE B 208 31.73 -1.71 27.28
N VAL B 209 31.17 -0.56 27.02
CA VAL B 209 29.97 -0.12 27.70
C VAL B 209 28.89 0.26 26.76
N PHE B 210 27.69 0.29 27.27
CA PHE B 210 26.59 0.77 26.48
C PHE B 210 25.54 1.35 27.37
N GLY B 211 24.67 2.14 26.79
CA GLY B 211 23.55 2.69 27.53
C GLY B 211 22.28 2.35 26.81
N ASP B 212 21.13 2.41 27.53
CA ASP B 212 19.84 2.13 26.94
C ASP B 212 18.84 3.29 27.03
N GLU B 213 17.65 2.98 26.52
CA GLU B 213 16.50 3.87 26.49
C GLU B 213 15.89 4.25 27.84
N ASN B 214 16.23 3.55 28.91
CA ASN B 214 15.64 3.86 30.19
C ASN B 214 16.56 4.69 31.05
N GLY B 215 17.67 5.13 30.49
CA GLY B 215 18.57 5.91 31.31
C GLY B 215 19.52 5.06 32.13
N THR B 216 19.69 3.78 31.76
CA THR B 216 20.56 2.90 32.50
C THR B 216 21.81 2.58 31.71
N VAL B 217 22.92 2.44 32.41
CA VAL B 217 24.13 2.05 31.72
C VAL B 217 24.66 0.76 32.26
N SER B 218 25.43 0.09 31.43
CA SER B 218 26.00 -1.19 31.76
C SER B 218 27.40 -1.41 31.22
N LEU B 219 28.20 -2.01 32.06
CA LEU B 219 29.57 -2.39 31.77
C LEU B 219 29.70 -3.87 31.57
N VAL B 220 30.16 -4.28 30.40
CA VAL B 220 30.22 -5.70 30.15
C VAL B 220 31.56 -6.20 29.62
N ASP B 221 31.81 -7.46 29.92
CA ASP B 221 32.98 -8.22 29.48
C ASP B 221 32.64 -9.00 28.24
N THR B 222 33.32 -8.70 27.14
CA THR B 222 33.04 -9.31 25.84
C THR B 222 32.98 -10.82 25.91
N LYS B 223 33.86 -11.46 26.70
CA LYS B 223 33.86 -12.93 26.72
C LYS B 223 32.68 -13.62 27.45
N SER B 224 31.85 -12.88 28.23
CA SER B 224 30.74 -13.42 29.02
C SER B 224 29.61 -12.39 29.08
N CYS B 227 26.80 -12.24 33.53
CA CYS B 227 27.48 -11.51 34.59
C CYS B 227 27.87 -10.11 34.08
N VAL B 228 27.07 -9.09 34.45
CA VAL B 228 27.26 -7.69 34.05
C VAL B 228 27.17 -6.75 35.23
N LEU B 229 27.71 -5.55 35.09
CA LEU B 229 27.55 -4.52 36.11
C LEU B 229 26.69 -3.38 35.59
N SER B 230 25.67 -2.97 36.35
CA SER B 230 24.85 -1.88 35.85
C SER B 230 24.34 -0.98 36.93
N SER B 231 23.96 0.23 36.52
CA SER B 231 23.41 1.23 37.42
C SER B 231 22.54 2.23 36.68
N ALA B 232 21.40 2.60 37.26
CA ALA B 232 20.58 3.61 36.62
C ALA B 232 21.17 4.98 36.87
N VAL B 233 21.14 5.84 35.86
CA VAL B 233 21.67 7.18 36.02
C VAL B 233 20.68 8.28 35.68
N HIS B 234 20.07 8.15 34.52
CA HIS B 234 19.24 9.19 33.94
C HIS B 234 17.78 8.90 33.99
N SER B 235 16.97 9.96 33.88
CA SER B 235 15.53 9.75 33.89
C SER B 235 14.99 9.43 32.50
N GLN B 236 15.86 9.58 31.51
CA GLN B 236 15.53 9.36 30.11
C GLN B 236 16.68 8.71 29.39
N CYS B 237 16.47 8.43 28.12
CA CYS B 237 17.42 7.75 27.26
C CYS B 237 18.81 8.36 27.32
N VAL B 238 19.81 7.48 27.41
CA VAL B 238 21.21 7.87 27.56
C VAL B 238 21.83 8.63 26.37
N THR B 239 21.56 8.22 25.17
CA THR B 239 22.09 8.86 23.97
C THR B 239 23.53 9.44 24.00
N GLY B 240 24.51 8.76 24.59
CA GLY B 240 25.89 9.27 24.47
C GLY B 240 26.82 8.99 25.66
N LEU B 241 27.97 8.37 25.35
CA LEU B 241 28.98 7.99 26.34
C LEU B 241 30.41 8.25 25.85
N VAL B 242 31.25 8.81 26.71
CA VAL B 242 32.68 8.98 26.36
C VAL B 242 33.63 8.85 27.56
N PHE B 243 34.78 8.19 27.36
CA PHE B 243 35.75 8.07 28.44
C PHE B 243 36.81 9.16 28.45
N SER B 244 37.18 9.58 29.65
CA SER B 244 38.21 10.58 29.85
C SER B 244 39.61 10.03 29.54
N PRO B 245 40.58 10.89 29.15
CA PRO B 245 41.96 10.56 28.86
C PRO B 245 42.84 10.43 30.10
N HIS B 246 42.50 9.48 30.92
CA HIS B 246 43.17 9.24 32.19
C HIS B 246 43.69 7.83 32.33
N SER B 247 44.68 7.65 33.21
CA SER B 247 45.20 6.32 33.52
C SER B 247 44.13 5.52 34.24
N VAL B 248 43.27 6.24 34.94
CA VAL B 248 42.08 5.72 35.57
C VAL B 248 40.96 6.48 34.92
N PRO B 249 40.28 5.92 33.93
CA PRO B 249 39.29 6.59 33.14
C PRO B 249 38.03 6.83 33.93
N PHE B 250 37.32 7.88 33.54
CA PHE B 250 36.02 8.20 34.09
C PHE B 250 35.06 8.23 32.94
N LEU B 251 33.82 7.92 33.20
CA LEU B 251 32.87 7.89 32.10
C LEU B 251 31.86 9.02 32.13
N ALA B 252 31.83 9.80 31.06
CA ALA B 252 30.86 10.89 30.99
C ALA B 252 29.62 10.33 30.33
N SER B 253 28.47 10.77 30.83
CA SER B 253 27.17 10.34 30.37
C SER B 253 26.18 11.46 30.14
N LEU B 254 25.61 11.46 28.97
CA LEU B 254 24.65 12.44 28.55
C LEU B 254 23.30 11.79 28.55
N SER B 255 22.23 12.58 28.45
CA SER B 255 20.90 12.00 28.30
C SER B 255 19.91 13.00 27.80
N GLU B 256 18.74 12.52 27.46
CA GLU B 256 17.66 13.36 27.00
C GLU B 256 17.01 14.12 28.13
N ASP B 257 17.41 13.87 29.38
CA ASP B 257 16.79 14.59 30.47
C ASP B 257 17.50 15.93 30.64
N CYS B 258 18.47 16.19 29.76
CA CYS B 258 19.26 17.39 29.63
C CYS B 258 20.29 17.62 30.72
N SER B 259 20.49 16.66 31.60
CA SER B 259 21.54 16.80 32.60
C SER B 259 22.78 16.09 32.12
N LEU B 260 23.88 16.36 32.78
CA LEU B 260 25.16 15.71 32.53
C LEU B 260 25.68 15.03 33.77
N ALA B 261 26.27 13.84 33.61
CA ALA B 261 26.85 13.16 34.74
C ALA B 261 28.21 12.56 34.44
N VAL B 262 29.05 12.47 35.47
CA VAL B 262 30.31 11.77 35.36
C VAL B 262 30.35 10.68 36.38
N LEU B 263 30.64 9.49 35.89
CA LEU B 263 30.70 8.30 36.70
C LEU B 263 32.10 7.76 36.94
N ASP B 264 32.24 7.05 38.05
CA ASP B 264 33.45 6.34 38.41
C ASP B 264 33.44 5.00 37.71
N SER B 265 34.48 4.19 37.90
CA SER B 265 34.56 2.89 37.23
C SER B 265 33.53 1.91 37.76
N SER B 266 33.01 2.22 38.93
CA SER B 266 32.02 1.47 39.67
C SER B 266 30.61 1.91 39.28
N LEU B 267 30.53 2.89 38.41
CA LEU B 267 29.32 3.57 37.96
C LEU B 267 28.72 4.45 39.04
N SER B 268 29.50 4.72 40.09
CA SER B 268 29.12 5.66 41.13
C SER B 268 29.13 7.07 40.56
N GLU B 269 28.21 7.93 40.99
CA GLU B 269 28.21 9.29 40.49
C GLU B 269 29.19 10.18 41.22
N LEU B 270 30.04 10.85 40.47
CA LEU B 270 31.02 11.74 41.06
C LEU B 270 30.64 13.18 40.88
N PHE B 271 30.04 13.48 39.75
CA PHE B 271 29.72 14.84 39.37
C PHE B 271 28.44 14.97 38.59
N ARG B 272 27.65 16.00 38.88
CA ARG B 272 26.43 16.18 38.12
C ARG B 272 26.21 17.67 37.84
N SER B 273 25.68 17.96 36.64
CA SER B 273 25.38 19.32 36.18
C SER B 273 24.08 19.47 35.44
N GLN B 274 23.43 20.62 35.63
CA GLN B 274 22.18 20.94 34.94
C GLN B 274 22.28 22.26 34.19
N ALA B 275 23.46 22.54 33.67
CA ALA B 275 23.77 23.75 32.92
C ALA B 275 22.94 23.98 31.65
N HIS B 276 22.52 22.91 30.99
CA HIS B 276 21.79 23.02 29.74
C HIS B 276 20.30 23.21 29.90
N ARG B 277 19.69 23.84 28.90
CA ARG B 277 18.24 24.07 28.91
C ARG B 277 17.48 23.33 27.84
N ASP B 278 18.16 22.45 27.12
CA ASP B 278 17.62 21.71 26.00
C ASP B 278 18.40 20.45 25.85
N PHE B 279 18.07 19.64 24.89
CA PHE B 279 18.80 18.43 24.75
C PHE B 279 20.27 18.71 24.52
N VAL B 280 21.08 17.93 25.20
CA VAL B 280 22.51 17.97 25.13
C VAL B 280 22.90 16.99 24.07
N ARG B 281 23.77 17.36 23.17
CA ARG B 281 24.07 16.42 22.11
C ARG B 281 25.38 15.73 22.23
N ASP B 282 26.38 16.39 22.77
CA ASP B 282 27.63 15.67 22.85
C ASP B 282 28.55 16.21 23.91
N ALA B 283 29.68 15.56 24.09
CA ALA B 283 30.69 16.02 25.04
C ALA B 283 32.07 15.51 24.69
N THR B 284 33.08 16.27 25.03
CA THR B 284 34.44 15.85 24.79
C THR B 284 35.43 16.38 25.79
N TRP B 285 36.48 15.64 26.02
CA TRP B 285 37.51 16.05 26.97
C TRP B 285 38.62 16.85 26.33
N SER B 286 39.08 17.87 27.03
CA SER B 286 40.21 18.61 26.51
C SER B 286 41.49 17.86 26.83
N PRO B 287 42.34 17.54 25.86
CA PRO B 287 43.56 16.79 26.05
C PRO B 287 44.59 17.59 26.81
N LEU B 288 44.38 18.89 26.92
CA LEU B 288 45.37 19.72 27.58
C LEU B 288 45.00 20.00 29.01
N ASN B 289 43.85 19.49 29.45
CA ASN B 289 43.38 19.73 30.79
C ASN B 289 42.48 18.61 31.21
N HIS B 290 43.01 17.72 32.00
CA HIS B 290 42.34 16.51 32.38
C HIS B 290 41.13 16.67 33.28
N SER B 291 40.94 17.85 33.84
CA SER B 291 39.79 18.11 34.69
C SER B 291 38.66 18.78 33.91
N LEU B 292 38.92 19.13 32.65
CA LEU B 292 37.98 19.90 31.86
C LEU B 292 37.19 19.15 30.80
N LEU B 293 35.87 19.23 30.93
CA LEU B 293 34.92 18.62 30.03
C LEU B 293 34.08 19.67 29.31
N THR B 294 34.02 19.59 27.99
CA THR B 294 33.28 20.58 27.21
C THR B 294 32.05 19.97 26.56
N THR B 295 30.91 20.65 26.71
CA THR B 295 29.66 20.16 26.12
C THR B 295 29.05 21.09 25.10
N VAL B 296 28.22 20.47 24.25
CA VAL B 296 27.50 21.13 23.18
C VAL B 296 26.04 20.67 23.07
N GLY B 297 25.12 21.55 22.67
CA GLY B 297 23.71 21.15 22.50
C GLY B 297 22.77 22.13 21.76
N TRP B 298 21.47 21.84 21.86
CA TRP B 298 20.46 22.58 21.11
C TRP B 298 20.07 23.90 21.73
N ASP B 299 20.60 24.21 22.89
CA ASP B 299 20.29 25.46 23.53
C ASP B 299 21.30 26.52 23.14
N HIS B 300 22.19 26.17 22.24
CA HIS B 300 23.23 27.02 21.74
C HIS B 300 24.17 27.51 22.82
N GLN B 301 24.47 26.68 23.80
CA GLN B 301 25.43 27.09 24.79
C GLN B 301 26.69 26.27 24.64
N VAL B 302 27.81 26.88 24.93
CA VAL B 302 29.04 26.12 24.99
C VAL B 302 29.42 26.14 26.43
N VAL B 303 29.50 24.98 27.05
CA VAL B 303 29.75 24.98 28.47
C VAL B 303 31.01 24.26 28.86
N HIS B 304 31.79 24.93 29.66
CA HIS B 304 33.03 24.38 30.14
C HIS B 304 32.86 23.96 31.59
N HIS B 305 32.98 22.67 31.87
CA HIS B 305 32.81 22.19 33.23
C HIS B 305 34.11 21.72 33.80
N VAL B 306 34.29 21.97 35.08
CA VAL B 306 35.45 21.42 35.73
C VAL B 306 34.98 20.37 36.69
N VAL B 307 35.46 19.17 36.48
CA VAL B 307 35.03 18.04 37.25
C VAL B 307 36.03 17.80 38.37
N PRO B 308 35.59 17.74 39.64
CA PRO B 308 36.42 17.57 40.82
C PRO B 308 36.92 16.14 40.95
N THR B 309 37.81 15.76 40.02
CA THR B 309 38.37 14.44 39.83
C THR B 309 39.46 14.20 40.90
#